data_5VE3
#
_entry.id   5VE3
#
_cell.length_a   63.689
_cell.length_b   108.333
_cell.length_c   119.616
_cell.angle_alpha   90.000
_cell.angle_beta   90.000
_cell.angle_gamma   90.000
#
_symmetry.space_group_name_H-M   'P 21 21 21'
#
loop_
_entity.id
_entity.type
_entity.pdbx_description
1 polymer BpPRF
2 non-polymer 'FE (III) ION'
3 water water
#
_entity_poly.entity_id   1
_entity_poly.type   'polypeptide(L)'
_entity_poly.pdbx_seq_one_letter_code
;MGSSHHHHHHSSGLVPRGSHMLIFRQLFDQQSSTYTYLLADSTTREAVLIDPVFEQVRRDAALIEELGLHLLYTIDTHVH
ADHVTGAWMLNRRIGSRIAISAASGAEGADRYLSHGDKVEFGTRYLTVRATPGHTDGCITLVLDNETMAFTGDCLLIRGT
GRTDFQRGDAHTMFRAVHGQIFTLPTACLLYPAHDYRGLTVTSVGEERRFNPRLGGELCEEDFTGYMTNLHLPHPKQIDV
AVPANLKCGLAASVPTQMTEPDWAPLTCSFAGIWEINAQWLEENLRAVEIVDVREPEEFNGPLGRIPAARLISLGELAGR
TAELTKDRPIVTV(CSS)RAGGRSAQATVMLRQAGFERVANLPGGMLRWRAEGRVVE
;
_entity_poly.pdbx_strand_id   B,A
#
loop_
_chem_comp.id
_chem_comp.type
_chem_comp.name
_chem_comp.formula
FE non-polymer 'FE (III) ION' 'Fe 3'
#
# COMPACT_ATOMS: atom_id res chain seq x y z
N GLY A 18 26.91 2.71 -3.30
CA GLY A 18 25.70 3.38 -3.75
C GLY A 18 25.86 4.67 -4.55
N SER A 19 25.54 5.79 -3.91
CA SER A 19 25.66 7.16 -4.46
C SER A 19 24.52 7.56 -5.41
N HIS A 20 23.80 8.62 -5.03
CA HIS A 20 22.67 9.18 -5.80
C HIS A 20 21.67 8.10 -6.18
N MET A 21 21.48 7.13 -5.28
N MET A 21 21.48 7.14 -5.27
CA MET A 21 20.41 6.17 -5.40
CA MET A 21 20.40 6.18 -5.41
C MET A 21 19.09 6.84 -5.07
C MET A 21 19.09 6.85 -5.08
N LEU A 22 18.00 6.19 -5.48
CA LEU A 22 16.67 6.71 -5.25
C LEU A 22 16.17 6.26 -3.89
N ILE A 23 15.83 7.20 -3.03
N ILE A 23 15.81 7.19 -3.03
CA ILE A 23 15.02 6.93 -1.85
CA ILE A 23 15.04 6.88 -1.84
C ILE A 23 13.58 7.07 -2.29
C ILE A 23 13.58 7.08 -2.22
N PHE A 24 12.75 6.06 -1.98
CA PHE A 24 11.40 6.03 -2.50
C PHE A 24 10.45 5.64 -1.40
N ARG A 25 9.36 6.37 -1.23
CA ARG A 25 8.31 5.94 -0.29
C ARG A 25 6.95 6.17 -0.90
N GLN A 26 6.12 5.13 -0.88
CA GLN A 26 4.74 5.24 -1.30
C GLN A 26 3.89 5.30 -0.04
N LEU A 27 3.00 6.29 0.05
CA LEU A 27 2.20 6.49 1.25
C LEU A 27 0.77 6.56 0.81
N PHE A 28 -0.12 5.94 1.57
CA PHE A 28 -1.53 5.87 1.19
C PHE A 28 -2.37 6.70 2.16
N ASP A 29 -3.36 7.39 1.63
CA ASP A 29 -4.31 8.16 2.43
C ASP A 29 -5.63 7.42 2.41
N GLN A 30 -6.00 6.84 3.56
CA GLN A 30 -7.16 5.97 3.59
C GLN A 30 -8.42 6.72 3.22
N GLN A 31 -8.55 7.99 3.61
CA GLN A 31 -9.82 8.68 3.38
C GLN A 31 -10.13 8.82 1.89
N SER A 32 -9.13 9.19 1.08
CA SER A 32 -9.33 9.46 -0.33
C SER A 32 -8.77 8.37 -1.25
N SER A 33 -8.07 7.40 -0.69
CA SER A 33 -7.39 6.32 -1.43
C SER A 33 -6.33 6.85 -2.36
N THR A 34 -5.71 7.95 -1.96
CA THR A 34 -4.66 8.61 -2.73
C THR A 34 -3.30 8.05 -2.36
N TYR A 35 -2.44 7.85 -3.36
CA TYR A 35 -1.03 7.58 -3.11
C TYR A 35 -0.22 8.86 -3.26
N THR A 36 0.64 9.12 -2.26
CA THR A 36 1.61 10.22 -2.28
C THR A 36 2.98 9.56 -2.43
N TYR A 37 3.85 10.11 -3.23
CA TYR A 37 5.16 9.49 -3.43
C TYR A 37 6.27 10.44 -2.99
N LEU A 38 7.11 10.00 -2.06
CA LEU A 38 8.31 10.75 -1.67
C LEU A 38 9.50 10.17 -2.44
N LEU A 39 10.25 11.01 -3.14
CA LEU A 39 11.44 10.57 -3.86
C LEU A 39 12.59 11.42 -3.40
N ALA A 40 13.78 10.83 -3.24
CA ALA A 40 14.92 11.67 -2.91
C ALA A 40 16.20 11.05 -3.45
N ASP A 41 17.18 11.90 -3.66
CA ASP A 41 18.55 11.52 -3.95
C ASP A 41 19.26 11.12 -2.64
N SER A 42 19.79 9.88 -2.61
CA SER A 42 20.34 9.32 -1.37
C SER A 42 21.59 10.03 -0.90
N THR A 43 22.30 10.68 -1.81
CA THR A 43 23.53 11.37 -1.44
C THR A 43 23.25 12.80 -0.99
N THR A 44 22.52 13.58 -1.80
CA THR A 44 22.29 14.98 -1.49
C THR A 44 21.13 15.17 -0.53
N ARG A 45 20.28 14.16 -0.39
CA ARG A 45 19.09 14.14 0.45
C ARG A 45 18.04 15.16 0.00
N GLU A 46 18.14 15.67 -1.22
CA GLU A 46 17.10 16.52 -1.75
C GLU A 46 15.94 15.67 -2.29
N ALA A 47 14.72 16.15 -2.08
CA ALA A 47 13.49 15.36 -2.24
C ALA A 47 12.43 16.13 -3.00
N VAL A 48 11.52 15.36 -3.63
CA VAL A 48 10.25 15.86 -4.12
C VAL A 48 9.16 14.99 -3.54
N LEU A 49 7.95 15.53 -3.49
CA LEU A 49 6.80 14.81 -2.96
C LEU A 49 5.68 15.00 -3.98
N ILE A 50 5.17 13.91 -4.50
CA ILE A 50 4.15 13.90 -5.56
C ILE A 50 2.79 13.69 -4.92
N ASP A 51 1.84 14.58 -5.21
CA ASP A 51 0.46 14.48 -4.73
C ASP A 51 0.34 14.34 -3.20
N PRO A 52 0.90 15.29 -2.44
CA PRO A 52 0.67 15.34 -0.99
C PRO A 52 -0.78 15.64 -0.62
N VAL A 53 -1.28 15.01 0.44
CA VAL A 53 -2.65 15.20 0.87
C VAL A 53 -2.67 16.09 2.12
N PHE A 54 -3.57 17.07 2.11
CA PHE A 54 -3.67 18.03 3.21
C PHE A 54 -3.77 17.36 4.58
N GLU A 55 -4.62 16.35 4.73
CA GLU A 55 -4.77 15.69 6.03
C GLU A 55 -3.50 14.98 6.48
N GLN A 56 -2.55 14.74 5.59
CA GLN A 56 -1.33 13.98 5.89
C GLN A 56 -0.10 14.87 5.95
N VAL A 57 -0.29 16.18 6.03
CA VAL A 57 0.88 17.07 5.96
C VAL A 57 1.81 16.85 7.17
N ARG A 58 1.27 16.63 8.37
CA ARG A 58 2.19 16.44 9.50
C ARG A 58 2.94 15.13 9.33
N ARG A 59 2.26 14.11 8.84
CA ARG A 59 2.87 12.80 8.61
C ARG A 59 4.00 12.91 7.59
N ASP A 60 3.70 13.50 6.44
CA ASP A 60 4.72 13.68 5.41
C ASP A 60 5.92 14.47 5.92
N ALA A 61 5.65 15.60 6.58
CA ALA A 61 6.76 16.40 7.13
C ALA A 61 7.58 15.63 8.14
N ALA A 62 6.91 14.87 9.02
CA ALA A 62 7.69 14.11 10.00
C ALA A 62 8.56 13.04 9.32
N LEU A 63 8.08 12.44 8.24
CA LEU A 63 8.86 11.43 7.55
C LEU A 63 10.08 12.04 6.88
N ILE A 64 9.89 13.21 6.27
CA ILE A 64 10.98 13.92 5.63
C ILE A 64 12.07 14.26 6.65
N GLU A 65 11.66 14.67 7.85
CA GLU A 65 12.61 14.97 8.94
C GLU A 65 13.34 13.70 9.40
N GLU A 66 12.60 12.62 9.62
CA GLU A 66 13.26 11.41 10.12
C GLU A 66 14.23 10.83 9.09
N LEU A 67 13.92 10.94 7.79
CA LEU A 67 14.85 10.52 6.75
C LEU A 67 15.94 11.54 6.48
N GLY A 68 15.90 12.68 7.15
CA GLY A 68 16.88 13.75 7.00
C GLY A 68 16.94 14.36 5.61
N LEU A 69 15.80 14.57 4.97
CA LEU A 69 15.67 15.07 3.60
C LEU A 69 15.37 16.57 3.59
N HIS A 70 15.66 17.20 2.47
CA HIS A 70 15.26 18.58 2.20
C HIS A 70 14.22 18.57 1.07
N LEU A 71 12.97 18.94 1.36
CA LEU A 71 11.92 18.88 0.34
C LEU A 71 11.99 20.13 -0.54
N LEU A 72 12.38 19.95 -1.81
CA LEU A 72 12.50 21.08 -2.72
C LEU A 72 11.14 21.47 -3.33
N TYR A 73 10.31 20.49 -3.65
CA TYR A 73 9.08 20.68 -4.40
C TYR A 73 8.01 19.71 -3.92
N THR A 74 6.75 20.16 -3.89
CA THR A 74 5.61 19.27 -4.06
C THR A 74 5.21 19.37 -5.52
N ILE A 75 4.76 18.25 -6.10
CA ILE A 75 4.29 18.19 -7.48
C ILE A 75 2.90 17.60 -7.48
N ASP A 76 1.93 18.33 -8.01
CA ASP A 76 0.61 17.74 -8.21
C ASP A 76 0.45 17.29 -9.66
N THR A 77 0.06 16.02 -9.85
CA THR A 77 -0.18 15.47 -11.18
C THR A 77 -1.37 16.15 -11.85
N HIS A 78 -2.29 16.71 -11.08
CA HIS A 78 -3.45 17.39 -11.65
C HIS A 78 -4.20 18.08 -10.51
N VAL A 79 -5.26 18.82 -10.84
CA VAL A 79 -6.16 19.36 -9.83
C VAL A 79 -7.03 18.23 -9.32
N HIS A 80 -6.88 17.87 -8.05
CA HIS A 80 -7.61 16.72 -7.51
C HIS A 80 -9.06 17.08 -7.15
N ALA A 81 -9.96 16.13 -7.39
CA ALA A 81 -11.35 16.36 -7.02
C ALA A 81 -11.72 15.67 -5.72
N ASP A 82 -10.87 14.79 -5.24
CA ASP A 82 -11.19 13.90 -4.13
C ASP A 82 -10.55 14.32 -2.82
N HIS A 83 -9.58 15.24 -2.86
CA HIS A 83 -8.96 15.73 -1.63
C HIS A 83 -8.31 17.06 -1.94
N VAL A 84 -7.98 17.80 -0.86
CA VAL A 84 -7.23 19.04 -0.99
C VAL A 84 -5.74 18.73 -0.91
N THR A 85 -4.98 19.28 -1.85
CA THR A 85 -3.54 19.08 -1.85
C THR A 85 -2.88 19.71 -0.59
N GLY A 86 -1.82 19.07 -0.12
CA GLY A 86 -1.03 19.64 0.95
C GLY A 86 0.04 20.60 0.50
N ALA A 87 0.08 20.94 -0.79
CA ALA A 87 1.13 21.79 -1.32
C ALA A 87 1.23 23.11 -0.57
N TRP A 88 0.12 23.80 -0.39
CA TRP A 88 0.13 25.11 0.26
C TRP A 88 0.67 25.00 1.68
N MET A 89 0.20 24.01 2.43
CA MET A 89 0.53 23.93 3.84
C MET A 89 1.99 23.49 4.02
N LEU A 90 2.50 22.66 3.13
CA LEU A 90 3.90 22.28 3.23
C LEU A 90 4.80 23.44 2.82
N ASN A 91 4.36 24.24 1.84
CA ASN A 91 5.12 25.42 1.47
C ASN A 91 5.25 26.34 2.68
N ARG A 92 4.14 26.52 3.39
CA ARG A 92 4.13 27.37 4.57
C ARG A 92 5.00 26.79 5.67
N ARG A 93 4.95 25.49 5.85
CA ARG A 93 5.58 24.87 7.03
C ARG A 93 7.07 24.61 6.83
N ILE A 94 7.48 24.10 5.69
CA ILE A 94 8.87 23.72 5.54
C ILE A 94 9.49 24.30 4.28
N GLY A 95 8.78 25.21 3.60
CA GLY A 95 9.35 25.96 2.49
C GLY A 95 9.51 25.23 1.16
N SER A 96 8.89 24.07 0.97
CA SER A 96 8.91 23.46 -0.36
C SER A 96 8.20 24.36 -1.36
N ARG A 97 8.67 24.33 -2.59
CA ARG A 97 8.04 25.04 -3.70
C ARG A 97 6.89 24.22 -4.30
N ILE A 98 5.90 24.92 -4.84
CA ILE A 98 4.69 24.29 -5.36
C ILE A 98 4.82 24.22 -6.87
N ALA A 99 4.67 23.02 -7.42
CA ALA A 99 4.67 22.82 -8.87
C ALA A 99 3.40 22.09 -9.29
N ILE A 100 2.81 22.54 -10.40
CA ILE A 100 1.61 21.95 -10.98
C ILE A 100 1.70 22.24 -12.47
N SER A 101 0.92 21.53 -13.29
CA SER A 101 0.96 21.86 -14.72
C SER A 101 0.42 23.25 -15.03
N ALA A 102 1.00 23.86 -16.09
CA ALA A 102 0.45 25.11 -16.59
C ALA A 102 -0.96 24.88 -17.13
N ALA A 103 -1.21 23.70 -17.69
CA ALA A 103 -2.53 23.46 -18.27
C ALA A 103 -3.62 23.28 -17.23
N SER A 104 -3.27 23.08 -15.94
CA SER A 104 -4.28 22.87 -14.91
C SER A 104 -5.14 24.12 -14.68
N GLY A 105 -4.62 25.29 -15.00
CA GLY A 105 -5.31 26.51 -14.63
C GLY A 105 -5.19 26.89 -13.16
N ALA A 106 -4.40 26.17 -12.38
CA ALA A 106 -4.29 26.52 -10.96
C ALA A 106 -3.49 27.81 -10.74
N GLU A 107 -3.88 28.56 -9.71
CA GLU A 107 -3.15 29.78 -9.33
C GLU A 107 -2.33 29.55 -8.07
N GLY A 108 -1.24 30.31 -7.93
CA GLY A 108 -0.46 30.31 -6.71
C GLY A 108 0.64 29.29 -6.63
N ALA A 109 1.03 28.69 -7.75
CA ALA A 109 2.17 27.78 -7.76
C ALA A 109 3.46 28.59 -7.96
N ASP A 110 4.58 27.96 -7.56
CA ASP A 110 5.93 28.47 -7.76
C ASP A 110 6.49 28.09 -9.11
N ARG A 111 6.06 26.95 -9.65
CA ARG A 111 6.51 26.54 -10.96
C ARG A 111 5.36 25.89 -11.74
N TYR A 112 5.17 26.33 -12.98
CA TYR A 112 4.15 25.76 -13.83
C TYR A 112 4.81 24.82 -14.84
N LEU A 113 4.39 23.57 -14.87
CA LEU A 113 5.06 22.56 -15.66
C LEU A 113 4.40 22.36 -17.03
N SER A 114 5.24 22.15 -18.04
CA SER A 114 4.82 21.84 -19.40
C SER A 114 5.54 20.58 -19.85
N HIS A 115 4.96 19.94 -20.86
CA HIS A 115 5.55 18.76 -21.49
C HIS A 115 7.05 18.97 -21.71
N GLY A 116 7.84 18.02 -21.24
CA GLY A 116 9.28 18.09 -21.46
C GLY A 116 10.08 18.75 -20.35
N ASP A 117 9.43 19.42 -19.42
CA ASP A 117 10.14 20.03 -18.30
C ASP A 117 10.74 18.96 -17.39
N LYS A 118 11.89 19.30 -16.78
CA LYS A 118 12.55 18.44 -15.79
C LYS A 118 12.40 19.03 -14.39
N VAL A 119 11.98 18.20 -13.44
CA VAL A 119 11.99 18.57 -12.02
C VAL A 119 13.18 17.87 -11.38
N GLU A 120 14.17 18.66 -10.98
CA GLU A 120 15.48 18.14 -10.56
CA GLU A 120 15.45 18.11 -10.57
C GLU A 120 15.54 18.00 -9.04
N PHE A 121 16.18 16.94 -8.57
CA PHE A 121 16.45 16.80 -7.14
C PHE A 121 17.78 16.07 -6.99
N GLY A 122 18.79 16.81 -6.56
CA GLY A 122 20.17 16.31 -6.58
C GLY A 122 20.57 16.10 -8.03
N THR A 123 21.15 14.93 -8.33
CA THR A 123 21.44 14.55 -9.70
C THR A 123 20.29 13.79 -10.37
N ARG A 124 19.19 13.58 -9.67
CA ARG A 124 18.07 12.84 -10.23
C ARG A 124 17.02 13.83 -10.77
N TYR A 125 16.16 13.32 -11.65
CA TYR A 125 15.07 14.18 -12.11
C TYR A 125 13.87 13.36 -12.57
N LEU A 126 12.71 14.04 -12.62
CA LEU A 126 11.49 13.58 -13.26
C LEU A 126 11.29 14.41 -14.54
N THR A 127 10.83 13.78 -15.61
CA THR A 127 10.49 14.52 -16.82
C THR A 127 8.97 14.52 -16.97
N VAL A 128 8.43 15.64 -17.38
CA VAL A 128 6.99 15.82 -17.50
C VAL A 128 6.51 15.36 -18.85
N ARG A 129 5.47 14.53 -18.86
CA ARG A 129 4.74 14.25 -20.09
C ARG A 129 3.31 14.70 -19.88
N ALA A 130 2.75 15.43 -20.86
CA ALA A 130 1.36 15.90 -20.76
C ALA A 130 0.43 14.73 -21.04
N THR A 131 -0.47 14.41 -20.13
CA THR A 131 -1.36 13.26 -20.31
C THR A 131 -2.77 13.64 -19.88
N PRO A 132 -3.38 14.59 -20.58
CA PRO A 132 -4.74 15.03 -20.22
C PRO A 132 -5.75 13.95 -20.56
N GLY A 133 -6.98 14.15 -20.11
CA GLY A 133 -8.04 13.19 -20.35
C GLY A 133 -8.94 12.98 -19.16
N HIS A 134 -8.34 12.70 -18.02
CA HIS A 134 -9.06 12.76 -16.76
C HIS A 134 -9.45 14.20 -16.47
N THR A 135 -8.49 15.12 -16.55
CA THR A 135 -8.70 16.56 -16.56
C THR A 135 -7.91 17.13 -17.73
N ASP A 136 -8.06 18.45 -17.97
CA ASP A 136 -7.24 19.02 -19.02
C ASP A 136 -5.79 19.30 -18.57
N GLY A 137 -5.49 19.25 -17.28
CA GLY A 137 -4.16 19.59 -16.80
C GLY A 137 -3.33 18.42 -16.26
N CYS A 138 -3.73 17.17 -16.52
CA CYS A 138 -2.98 16.03 -15.99
C CYS A 138 -1.61 15.93 -16.64
N ILE A 139 -0.63 15.51 -15.84
CA ILE A 139 0.71 15.19 -16.32
C ILE A 139 1.15 13.86 -15.72
N THR A 140 2.14 13.25 -16.39
CA THR A 140 2.77 12.01 -15.96
C THR A 140 4.23 12.36 -15.74
N LEU A 141 4.80 11.88 -14.65
CA LEU A 141 6.17 12.19 -14.25
C LEU A 141 7.01 10.95 -14.45
N VAL A 142 8.03 11.03 -15.29
CA VAL A 142 8.84 9.89 -15.66
C VAL A 142 10.21 10.03 -15.01
N LEU A 143 10.59 9.03 -14.19
CA LEU A 143 11.93 9.06 -13.58
C LEU A 143 12.98 9.07 -14.66
N ASP A 144 14.12 9.72 -14.35
CA ASP A 144 15.21 9.91 -15.31
C ASP A 144 15.55 8.62 -16.08
N ASN A 145 15.72 7.50 -15.38
CA ASN A 145 16.16 6.27 -16.06
C ASN A 145 14.98 5.46 -16.62
N GLU A 146 13.76 5.99 -16.55
CA GLU A 146 12.56 5.35 -17.11
C GLU A 146 12.31 3.98 -16.52
N THR A 147 12.69 3.78 -15.25
CA THR A 147 12.34 2.56 -14.54
C THR A 147 11.03 2.71 -13.80
N MET A 148 10.57 3.95 -13.58
CA MET A 148 9.22 4.13 -13.07
C MET A 148 8.64 5.47 -13.55
N ALA A 149 7.32 5.59 -13.48
CA ALA A 149 6.62 6.79 -13.90
C ALA A 149 5.38 6.88 -13.03
N PHE A 150 4.97 8.10 -12.72
CA PHE A 150 3.83 8.38 -11.85
C PHE A 150 2.72 8.89 -12.77
N THR A 151 1.60 8.16 -12.88
CA THR A 151 0.61 8.43 -13.92
C THR A 151 -0.60 9.22 -13.43
N GLY A 152 -0.60 9.66 -12.16
CA GLY A 152 -1.74 10.43 -11.69
C GLY A 152 -3.01 9.59 -11.78
N ASP A 153 -4.11 10.24 -12.17
CA ASP A 153 -5.37 9.61 -12.49
C ASP A 153 -5.55 9.34 -13.99
N CYS A 154 -4.48 9.37 -14.76
CA CYS A 154 -4.62 9.09 -16.17
C CYS A 154 -4.73 7.57 -16.39
N LEU A 155 -3.69 6.82 -16.07
CA LEU A 155 -3.70 5.35 -16.10
C LEU A 155 -3.69 4.86 -14.67
N LEU A 156 -4.66 4.03 -14.31
CA LEU A 156 -4.72 3.38 -12.99
C LEU A 156 -4.42 1.89 -13.16
N ILE A 157 -4.33 1.16 -12.03
CA ILE A 157 -3.99 -0.27 -12.12
C ILE A 157 -5.18 -1.02 -12.73
N ARG A 158 -5.01 -1.54 -13.95
CA ARG A 158 -6.09 -2.19 -14.74
C ARG A 158 -7.33 -1.30 -14.83
N GLY A 159 -7.12 0.01 -14.97
CA GLY A 159 -8.22 0.92 -15.14
C GLY A 159 -7.71 2.27 -15.59
N THR A 160 -8.54 3.30 -15.44
CA THR A 160 -8.24 4.68 -15.78
C THR A 160 -8.99 5.57 -14.81
N GLY A 161 -8.59 6.85 -14.74
CA GLY A 161 -9.44 7.84 -14.09
C GLY A 161 -10.74 8.05 -14.83
N ARG A 162 -11.69 8.60 -14.13
CA ARG A 162 -12.95 8.91 -14.77
C ARG A 162 -12.80 10.15 -15.67
N THR A 163 -13.70 10.28 -16.66
CA THR A 163 -13.55 11.31 -17.69
C THR A 163 -14.73 12.28 -17.78
N ASP A 164 -15.68 12.20 -16.85
CA ASP A 164 -16.92 12.94 -16.96
C ASP A 164 -16.90 14.30 -16.25
N PHE A 165 -15.82 14.71 -15.58
CA PHE A 165 -15.76 16.04 -14.95
C PHE A 165 -14.46 16.76 -15.28
N GLN A 166 -14.35 18.03 -14.86
CA GLN A 166 -13.05 18.74 -14.95
C GLN A 166 -12.53 18.82 -16.39
N ARG A 167 -13.45 18.86 -17.35
CA ARG A 167 -13.10 18.97 -18.76
C ARG A 167 -12.40 17.70 -19.24
N GLY A 168 -12.70 16.57 -18.58
CA GLY A 168 -12.13 15.30 -19.00
C GLY A 168 -12.71 14.89 -20.34
N ASP A 169 -12.05 13.95 -20.98
CA ASP A 169 -12.44 13.64 -22.35
C ASP A 169 -11.87 12.27 -22.67
N ALA A 170 -12.75 11.33 -22.99
CA ALA A 170 -12.23 9.97 -23.08
C ALA A 170 -11.37 9.80 -24.34
N HIS A 171 -11.72 10.47 -25.41
CA HIS A 171 -10.86 10.44 -26.59
C HIS A 171 -9.46 10.91 -26.24
N THR A 172 -9.38 12.02 -25.50
CA THR A 172 -8.07 12.57 -25.11
C THR A 172 -7.31 11.63 -24.20
N MET A 173 -8.00 11.06 -23.20
CA MET A 173 -7.35 10.07 -22.34
C MET A 173 -6.76 8.90 -23.14
N PHE A 174 -7.55 8.35 -24.07
CA PHE A 174 -7.03 7.21 -24.83
C PHE A 174 -5.74 7.58 -25.54
N ARG A 175 -5.73 8.74 -26.21
CA ARG A 175 -4.56 9.18 -26.96
C ARG A 175 -3.39 9.47 -26.05
N ALA A 176 -3.64 10.02 -24.86
CA ALA A 176 -2.54 10.27 -23.92
C ALA A 176 -1.94 8.96 -23.42
N VAL A 177 -2.78 8.01 -22.97
CA VAL A 177 -2.25 6.74 -22.49
C VAL A 177 -1.45 6.08 -23.61
N HIS A 178 -2.07 5.93 -24.80
CA HIS A 178 -1.36 5.26 -25.87
C HIS A 178 -0.15 6.04 -26.32
N GLY A 179 -0.23 7.37 -26.30
CA GLY A 179 0.85 8.12 -26.89
C GLY A 179 2.00 8.51 -25.96
N GLN A 180 1.76 8.52 -24.66
CA GLN A 180 2.75 8.99 -23.68
C GLN A 180 3.13 7.96 -22.63
N ILE A 181 2.25 7.03 -22.28
CA ILE A 181 2.53 6.06 -21.25
C ILE A 181 2.88 4.71 -21.86
N PHE A 182 2.07 4.24 -22.84
CA PHE A 182 2.39 2.94 -23.43
C PHE A 182 3.63 3.00 -24.30
N THR A 183 4.20 4.18 -24.53
CA THR A 183 5.43 4.28 -25.28
C THR A 183 6.67 4.18 -24.39
N LEU A 184 6.50 4.11 -23.09
CA LEU A 184 7.62 3.89 -22.16
C LEU A 184 8.11 2.46 -22.27
N PRO A 185 9.26 2.12 -21.67
CA PRO A 185 9.75 0.73 -21.79
C PRO A 185 8.82 -0.25 -21.08
N THR A 186 8.76 -1.49 -21.61
CA THR A 186 7.77 -2.43 -21.08
C THR A 186 7.99 -2.76 -19.60
N ALA A 187 9.23 -2.82 -19.15
CA ALA A 187 9.55 -3.06 -17.74
C ALA A 187 9.33 -1.82 -16.84
N CYS A 188 8.95 -0.68 -17.38
CA CYS A 188 8.81 0.53 -16.55
C CYS A 188 7.64 0.36 -15.59
N LEU A 189 7.87 0.62 -14.30
CA LEU A 189 6.80 0.55 -13.30
C LEU A 189 5.90 1.78 -13.38
N LEU A 190 4.60 1.61 -13.08
CA LEU A 190 3.66 2.72 -13.17
C LEU A 190 2.94 2.83 -11.84
N TYR A 191 3.11 3.97 -11.19
CA TYR A 191 2.56 4.28 -9.87
C TYR A 191 1.42 5.26 -10.03
N PRO A 192 0.23 4.86 -9.68
CA PRO A 192 -0.94 5.70 -9.87
C PRO A 192 -1.23 6.57 -8.66
N ALA A 193 -2.12 7.53 -8.88
CA ALA A 193 -2.47 8.45 -7.82
C ALA A 193 -3.53 7.86 -6.92
N HIS A 194 -4.27 6.85 -7.37
CA HIS A 194 -5.29 6.23 -6.52
C HIS A 194 -5.29 4.72 -6.74
N ASP A 195 -5.76 3.96 -5.74
CA ASP A 195 -6.15 2.58 -5.99
C ASP A 195 -7.13 2.22 -4.89
N TYR A 196 -8.18 1.48 -5.25
CA TYR A 196 -9.23 1.18 -4.30
C TYR A 196 -9.23 -0.30 -3.92
N ARG A 197 -8.26 -1.07 -4.39
CA ARG A 197 -8.26 -2.52 -4.17
C ARG A 197 -7.01 -3.05 -3.45
N GLY A 198 -6.18 -2.19 -2.88
CA GLY A 198 -4.99 -2.69 -2.21
C GLY A 198 -3.84 -2.93 -3.15
N LEU A 199 -3.91 -2.44 -4.38
CA LEU A 199 -2.81 -2.63 -5.32
C LEU A 199 -1.90 -1.41 -5.32
N THR A 200 -0.60 -1.65 -5.50
CA THR A 200 0.37 -0.57 -5.31
C THR A 200 1.02 -0.12 -6.60
N VAL A 201 1.16 -0.99 -7.60
CA VAL A 201 1.96 -0.65 -8.77
C VAL A 201 1.52 -1.53 -9.92
N THR A 202 1.76 -1.06 -11.14
CA THR A 202 1.59 -1.85 -12.33
C THR A 202 2.80 -1.56 -13.21
N SER A 203 2.76 -1.97 -14.46
CA SER A 203 3.90 -1.79 -15.35
C SER A 203 3.38 -1.55 -16.78
N VAL A 204 4.25 -0.99 -17.60
CA VAL A 204 3.86 -0.70 -18.97
C VAL A 204 3.41 -1.98 -19.68
N GLY A 205 4.19 -3.05 -19.55
CA GLY A 205 3.85 -4.27 -20.29
C GLY A 205 2.53 -4.87 -19.84
N GLU A 206 2.25 -4.84 -18.54
CA GLU A 206 0.98 -5.35 -18.02
C GLU A 206 -0.20 -4.56 -18.58
N GLU A 207 -0.13 -3.24 -18.49
CA GLU A 207 -1.26 -2.46 -18.92
C GLU A 207 -1.43 -2.53 -20.43
N ARG A 208 -0.33 -2.50 -21.19
CA ARG A 208 -0.44 -2.61 -22.64
C ARG A 208 -1.24 -3.85 -23.01
N ARG A 209 -1.04 -4.89 -22.24
CA ARG A 209 -1.62 -6.17 -22.62
C ARG A 209 -2.98 -6.39 -21.98
N PHE A 210 -3.10 -6.02 -20.73
CA PHE A 210 -4.21 -6.48 -19.90
C PHE A 210 -5.15 -5.38 -19.42
N ASN A 211 -4.84 -4.11 -19.64
CA ASN A 211 -5.81 -3.08 -19.22
C ASN A 211 -7.16 -3.35 -19.91
N PRO A 212 -8.26 -3.48 -19.17
CA PRO A 212 -9.50 -3.95 -19.76
C PRO A 212 -10.28 -2.88 -20.46
N ARG A 213 -9.86 -1.61 -20.32
CA ARG A 213 -10.57 -0.50 -20.95
C ARG A 213 -9.91 -0.05 -22.22
N LEU A 214 -8.58 -0.08 -22.26
CA LEU A 214 -7.90 0.44 -23.43
C LEU A 214 -6.60 -0.31 -23.75
N GLY A 215 -6.38 -1.51 -23.19
CA GLY A 215 -5.23 -2.31 -23.56
C GLY A 215 -5.54 -3.31 -24.66
N GLY A 216 -4.65 -4.28 -24.84
CA GLY A 216 -4.84 -5.26 -25.89
C GLY A 216 -5.06 -4.60 -27.24
N GLU A 217 -6.07 -5.06 -27.99
CA GLU A 217 -6.39 -4.46 -29.28
C GLU A 217 -7.54 -3.43 -29.22
N LEU A 218 -7.90 -2.98 -28.02
CA LEU A 218 -9.05 -2.07 -27.89
C LEU A 218 -8.76 -0.75 -28.60
N CYS A 219 -9.72 -0.25 -29.38
CA CYS A 219 -9.53 1.02 -30.05
C CYS A 219 -10.22 2.14 -29.27
N GLU A 220 -10.03 3.37 -29.77
CA GLU A 220 -10.54 4.54 -29.06
C GLU A 220 -12.06 4.48 -28.87
N GLU A 221 -12.80 4.07 -29.89
CA GLU A 221 -14.26 3.93 -29.77
C GLU A 221 -14.66 2.84 -28.77
N ASP A 222 -13.90 1.74 -28.68
CA ASP A 222 -14.19 0.74 -27.66
C ASP A 222 -14.05 1.36 -26.27
N PHE A 223 -12.99 2.14 -26.08
CA PHE A 223 -12.71 2.77 -24.80
C PHE A 223 -13.80 3.79 -24.45
N THR A 224 -14.19 4.62 -25.41
CA THR A 224 -15.18 5.65 -25.09
CA THR A 224 -15.17 5.65 -25.08
C THR A 224 -16.54 5.04 -24.81
N GLY A 225 -16.88 3.91 -25.47
CA GLY A 225 -18.11 3.21 -25.11
C GLY A 225 -18.04 2.63 -23.70
N TYR A 226 -16.88 2.08 -23.33
CA TYR A 226 -16.70 1.66 -21.94
C TYR A 226 -16.96 2.83 -20.99
N MET A 227 -16.31 3.96 -21.24
CA MET A 227 -16.35 5.07 -20.27
C MET A 227 -17.74 5.69 -20.16
N THR A 228 -18.42 5.82 -21.28
CA THR A 228 -19.79 6.35 -21.29
C THR A 228 -20.73 5.53 -20.41
N ASN A 229 -20.46 4.24 -20.23
CA ASN A 229 -21.38 3.39 -19.49
C ASN A 229 -20.84 3.00 -18.12
N LEU A 230 -19.89 3.74 -17.55
CA LEU A 230 -19.53 3.52 -16.15
C LEU A 230 -20.64 3.96 -15.20
N HIS A 231 -21.20 5.15 -15.43
CA HIS A 231 -22.20 5.77 -14.56
C HIS A 231 -21.79 5.72 -13.08
N LEU A 232 -20.62 6.29 -12.82
CA LEU A 232 -20.12 6.39 -11.46
C LEU A 232 -20.98 7.38 -10.68
N PRO A 233 -21.09 7.22 -9.36
CA PRO A 233 -21.76 8.25 -8.56
C PRO A 233 -21.06 9.60 -8.70
N HIS A 234 -21.81 10.66 -8.43
CA HIS A 234 -21.27 12.00 -8.44
C HIS A 234 -20.08 12.10 -7.49
N PRO A 235 -18.97 12.70 -7.91
CA PRO A 235 -17.79 12.82 -7.03
C PRO A 235 -18.13 13.57 -5.76
N LYS A 236 -17.92 12.92 -4.62
CA LYS A 236 -18.47 13.43 -3.37
C LYS A 236 -17.80 14.71 -2.86
N GLN A 237 -16.55 15.00 -3.27
CA GLN A 237 -15.81 16.16 -2.74
C GLN A 237 -15.50 17.22 -3.79
N ILE A 238 -15.91 17.01 -5.04
CA ILE A 238 -15.45 17.87 -6.13
C ILE A 238 -15.81 19.33 -5.90
N ASP A 239 -16.92 19.60 -5.22
CA ASP A 239 -17.33 21.00 -5.12
C ASP A 239 -16.54 21.75 -4.04
N VAL A 240 -15.87 21.05 -3.14
CA VAL A 240 -14.97 21.64 -2.16
C VAL A 240 -13.52 21.55 -2.64
N ALA A 241 -13.14 20.38 -3.13
CA ALA A 241 -11.73 20.10 -3.43
C ALA A 241 -11.22 20.91 -4.60
N VAL A 242 -11.98 20.98 -5.68
CA VAL A 242 -11.51 21.67 -6.88
C VAL A 242 -11.26 23.16 -6.65
N PRO A 243 -12.19 23.93 -6.05
CA PRO A 243 -11.86 25.36 -5.80
C PRO A 243 -10.66 25.53 -4.89
N ALA A 244 -10.47 24.62 -3.92
CA ALA A 244 -9.29 24.74 -3.07
C ALA A 244 -8.01 24.44 -3.84
N ASN A 245 -8.03 23.42 -4.68
CA ASN A 245 -6.86 23.03 -5.44
C ASN A 245 -6.54 23.97 -6.60
N LEU A 246 -7.52 24.74 -7.08
CA LEU A 246 -7.23 25.78 -8.05
C LEU A 246 -6.46 26.97 -7.45
N LYS A 247 -6.21 26.95 -6.13
CA LYS A 247 -5.34 27.86 -5.40
C LYS A 247 -4.24 27.07 -4.67
N CYS A 248 -4.01 25.84 -5.13
CA CYS A 248 -2.95 24.97 -4.68
C CYS A 248 -3.10 24.59 -3.22
N GLY A 249 -4.34 24.54 -2.75
CA GLY A 249 -4.59 24.08 -1.40
C GLY A 249 -4.70 25.15 -0.33
N LEU A 250 -4.91 26.41 -0.72
CA LEU A 250 -5.27 27.47 0.23
C LEU A 250 -6.69 27.26 0.74
N ALA A 251 -6.85 27.25 2.06
CA ALA A 251 -8.17 27.08 2.72
C ALA A 251 -9.27 28.10 2.32
N GLU A 260 -2.80 23.34 15.49
CA GLU A 260 -1.51 22.89 16.03
C GLU A 260 -1.35 23.25 17.52
N PRO A 261 -0.68 22.39 18.28
CA PRO A 261 -0.55 22.61 19.73
C PRO A 261 0.44 23.72 20.03
N ASP A 262 0.00 24.70 20.81
CA ASP A 262 0.72 25.95 21.00
C ASP A 262 1.17 26.16 22.43
N TRP A 263 0.95 25.18 23.31
CA TRP A 263 1.28 25.38 24.72
C TRP A 263 2.78 25.24 25.00
N ALA A 264 3.55 24.81 24.02
CA ALA A 264 4.99 24.64 24.12
C ALA A 264 5.53 24.38 22.72
N PRO A 265 6.86 24.49 22.53
CA PRO A 265 7.46 23.97 21.30
C PRO A 265 7.36 22.43 21.23
N LEU A 266 6.46 21.93 20.39
CA LEU A 266 6.13 20.50 20.27
C LEU A 266 6.46 20.06 18.87
N THR A 267 6.82 18.79 18.72
CA THR A 267 6.97 18.21 17.40
C THR A 267 6.35 16.82 17.43
N CYS A 268 5.74 16.43 16.31
CA CYS A 268 5.04 15.16 16.23
C CYS A 268 5.97 14.20 15.48
N SER A 269 6.21 13.03 16.06
CA SER A 269 7.05 12.06 15.39
C SER A 269 6.29 11.41 14.22
N PHE A 270 7.04 10.78 13.33
CA PHE A 270 6.39 9.99 12.28
C PHE A 270 5.50 8.92 12.90
N ALA A 271 5.94 8.31 14.02
CA ALA A 271 5.06 7.37 14.72
C ALA A 271 3.77 8.01 15.24
N GLY A 272 3.65 9.34 15.28
CA GLY A 272 2.45 9.96 15.80
C GLY A 272 2.49 10.43 17.24
N ILE A 273 3.67 10.54 17.85
CA ILE A 273 3.76 10.91 19.26
C ILE A 273 4.21 12.36 19.32
N TRP A 274 3.49 13.15 20.11
CA TRP A 274 3.87 14.53 20.37
C TRP A 274 5.03 14.56 21.36
N GLU A 275 6.14 15.22 21.00
CA GLU A 275 7.34 15.29 21.79
C GLU A 275 7.65 16.73 22.18
N ILE A 276 8.02 16.95 23.42
CA ILE A 276 8.31 18.32 23.87
C ILE A 276 9.79 18.59 23.75
N ASN A 277 10.14 19.86 23.59
CA ASN A 277 11.51 20.30 23.55
C ASN A 277 12.08 20.28 24.98
N ALA A 278 13.20 19.59 25.17
CA ALA A 278 13.68 19.37 26.54
C ALA A 278 14.28 20.64 27.15
N GLN A 279 14.97 21.47 26.34
CA GLN A 279 15.48 22.75 26.87
C GLN A 279 14.35 23.63 27.35
N TRP A 280 13.27 23.74 26.57
CA TRP A 280 12.11 24.51 27.01
C TRP A 280 11.54 23.94 28.29
N LEU A 281 11.38 22.63 28.34
CA LEU A 281 10.85 21.99 29.54
C LEU A 281 11.70 22.34 30.77
N GLU A 282 13.03 22.26 30.66
CA GLU A 282 13.82 22.54 31.85
C GLU A 282 13.65 23.99 32.30
N GLU A 283 13.37 24.89 31.36
CA GLU A 283 13.20 26.31 31.69
C GLU A 283 11.78 26.63 32.08
N ASN A 284 10.88 25.66 31.98
CA ASN A 284 9.48 25.96 32.24
C ASN A 284 8.85 24.85 33.04
N LEU A 285 9.60 24.28 34.00
CA LEU A 285 9.16 23.06 34.71
C LEU A 285 7.84 23.26 35.44
N ARG A 286 7.60 24.44 35.97
CA ARG A 286 6.36 24.67 36.69
C ARG A 286 5.16 24.90 35.78
N ALA A 287 5.34 25.05 34.47
CA ALA A 287 4.17 25.25 33.62
C ALA A 287 3.45 23.94 33.30
N VAL A 288 4.05 22.80 33.62
CA VAL A 288 3.49 21.50 33.24
C VAL A 288 3.47 20.58 34.45
N GLU A 289 2.64 19.54 34.37
CA GLU A 289 2.72 18.46 35.33
C GLU A 289 3.60 17.36 34.71
N ILE A 290 4.66 16.99 35.42
CA ILE A 290 5.59 15.96 34.96
C ILE A 290 5.12 14.65 35.56
N VAL A 291 4.73 13.70 34.72
CA VAL A 291 4.27 12.39 35.15
C VAL A 291 5.34 11.36 34.79
N ASP A 292 5.95 10.78 35.82
CA ASP A 292 7.00 9.81 35.66
C ASP A 292 6.34 8.42 35.72
N VAL A 293 6.40 7.68 34.63
CA VAL A 293 5.68 6.40 34.58
C VAL A 293 6.64 5.21 34.81
N ARG A 294 7.83 5.47 35.35
CA ARG A 294 8.72 4.35 35.65
C ARG A 294 8.22 3.55 36.86
N GLU A 295 8.91 2.47 37.17
CA GLU A 295 8.64 1.69 38.37
C GLU A 295 9.28 2.35 39.59
N PRO A 296 8.76 2.08 40.79
CA PRO A 296 9.26 2.78 41.99
C PRO A 296 10.76 2.64 42.18
N GLU A 297 11.34 1.46 41.90
CA GLU A 297 12.78 1.28 42.10
C GLU A 297 13.58 2.20 41.19
N GLU A 298 13.06 2.46 39.98
CA GLU A 298 13.71 3.40 39.10
C GLU A 298 13.52 4.83 39.60
N PHE A 299 12.29 5.19 39.97
CA PHE A 299 12.02 6.57 40.41
C PHE A 299 12.98 6.96 41.53
N ASN A 300 13.30 6.01 42.39
CA ASN A 300 14.26 6.21 43.48
C ASN A 300 15.67 5.72 43.17
N GLY A 301 16.04 5.69 41.88
CA GLY A 301 17.24 5.00 41.47
C GLY A 301 18.32 5.97 41.03
N PRO A 302 19.42 5.46 40.48
CA PRO A 302 20.56 6.34 40.20
C PRO A 302 20.35 7.33 39.09
N LEU A 303 19.31 7.17 38.23
CA LEU A 303 19.00 8.19 37.22
C LEU A 303 18.37 9.44 37.80
N GLY A 304 17.88 9.39 39.03
CA GLY A 304 17.32 10.58 39.58
C GLY A 304 15.96 10.85 38.98
N ARG A 305 15.44 12.02 39.33
CA ARG A 305 14.18 12.38 38.74
C ARG A 305 14.11 13.90 38.57
N ILE A 306 13.23 14.30 37.67
CA ILE A 306 13.07 15.72 37.35
C ILE A 306 12.37 16.39 38.52
N PRO A 307 12.75 17.61 38.91
CA PRO A 307 12.09 18.23 40.07
C PRO A 307 10.57 18.20 39.92
N ALA A 308 9.89 17.80 41.00
CA ALA A 308 8.42 17.79 41.08
C ALA A 308 7.80 16.74 40.18
N ALA A 309 8.59 15.83 39.62
CA ALA A 309 8.01 14.69 38.90
C ALA A 309 7.12 13.91 39.84
N ARG A 310 5.98 13.46 39.33
CA ARG A 310 5.02 12.70 40.12
C ARG A 310 5.02 11.27 39.63
N LEU A 311 5.25 10.33 40.52
CA LEU A 311 5.34 8.95 40.12
C LEU A 311 3.94 8.41 39.91
N ILE A 312 3.62 7.99 38.70
CA ILE A 312 2.47 7.12 38.50
C ILE A 312 2.93 6.02 37.54
N SER A 313 3.27 4.85 38.07
CA SER A 313 3.84 3.82 37.20
C SER A 313 2.87 3.41 36.10
N LEU A 314 3.45 3.10 34.94
CA LEU A 314 2.66 2.91 33.73
C LEU A 314 1.54 1.91 33.95
N GLY A 315 1.81 0.82 34.68
CA GLY A 315 0.76 -0.15 34.88
C GLY A 315 -0.38 0.29 35.80
N GLU A 316 -0.26 1.46 36.42
CA GLU A 316 -1.33 2.01 37.26
C GLU A 316 -2.00 3.21 36.63
N LEU A 317 -1.41 3.76 35.58
CA LEU A 317 -1.80 5.10 35.13
C LEU A 317 -3.24 5.11 34.65
N ALA A 318 -3.63 4.09 33.88
CA ALA A 318 -4.96 4.10 33.25
C ALA A 318 -6.02 4.24 34.33
N GLY A 319 -5.81 3.57 35.47
CA GLY A 319 -6.80 3.58 36.54
C GLY A 319 -6.71 4.77 37.48
N ARG A 320 -5.75 5.69 37.29
CA ARG A 320 -5.52 6.78 38.22
C ARG A 320 -5.56 8.15 37.55
N THR A 321 -6.20 8.28 36.38
CA THR A 321 -6.15 9.55 35.67
C THR A 321 -6.92 10.66 36.40
N ALA A 322 -7.87 10.32 37.27
CA ALA A 322 -8.56 11.32 38.10
C ALA A 322 -7.61 12.14 38.95
N GLU A 323 -6.36 11.70 39.14
CA GLU A 323 -5.42 12.44 39.96
C GLU A 323 -4.68 13.50 39.16
N LEU A 324 -4.72 13.42 37.84
CA LEU A 324 -4.08 14.42 37.01
C LEU A 324 -4.96 15.64 36.85
N THR A 325 -4.32 16.80 36.84
CA THR A 325 -5.07 18.04 36.72
C THR A 325 -5.47 18.29 35.27
N LYS A 326 -6.59 18.98 35.11
CA LYS A 326 -7.05 19.36 33.78
C LYS A 326 -6.72 20.82 33.47
N ASP A 327 -5.83 21.42 34.23
CA ASP A 327 -5.56 22.85 34.12
C ASP A 327 -4.16 23.15 33.61
N ARG A 328 -3.29 22.16 33.55
CA ARG A 328 -1.97 22.35 33.01
C ARG A 328 -1.70 21.20 32.04
N PRO A 329 -0.80 21.40 31.08
CA PRO A 329 -0.34 20.29 30.24
C PRO A 329 0.42 19.27 31.05
N ILE A 330 0.48 18.03 30.52
CA ILE A 330 1.18 16.90 31.13
C ILE A 330 2.32 16.50 30.21
N VAL A 331 3.50 16.29 30.79
CA VAL A 331 4.65 15.74 30.09
C VAL A 331 4.97 14.41 30.76
N THR A 332 5.01 13.33 29.96
CA THR A 332 5.31 12.01 30.51
C THR A 332 6.80 11.73 30.37
N VAL A 333 7.35 11.05 31.35
CA VAL A 333 8.78 10.74 31.42
CA VAL A 333 8.77 10.70 31.31
CA VAL A 333 8.78 10.74 31.44
C VAL A 333 9.04 9.28 31.77
N CSS A 334 10.05 8.69 31.15
CA CSS A 334 10.42 7.40 31.56
CB CSS A 334 9.71 6.21 30.91
SG CSS A 334 10.02 6.06 29.19
SD CSS A 334 11.02 4.13 28.88
C CSS A 334 11.92 7.29 31.39
O CSS A 334 12.63 8.28 31.32
N ARG A 335 12.41 6.04 31.35
CA ARG A 335 13.84 5.83 31.26
C ARG A 335 14.42 6.35 29.95
N ALA A 336 13.81 6.00 28.83
CA ALA A 336 14.42 6.32 27.55
C ALA A 336 13.40 6.73 26.50
N GLY A 337 12.16 7.00 26.92
CA GLY A 337 11.17 7.62 26.08
C GLY A 337 10.07 6.71 25.57
N GLY A 338 10.12 5.40 25.89
CA GLY A 338 9.22 4.43 25.25
C GLY A 338 7.95 4.28 26.04
N ARG A 339 8.10 3.89 27.31
CA ARG A 339 6.91 3.76 28.17
C ARG A 339 6.15 5.08 28.24
N SER A 340 6.86 6.20 28.29
CA SER A 340 6.21 7.51 28.34
C SER A 340 5.49 7.84 27.04
N ALA A 341 5.92 7.28 25.89
CA ALA A 341 5.16 7.44 24.67
C ALA A 341 3.83 6.70 24.78
N GLN A 342 3.83 5.50 25.34
CA GLN A 342 2.56 4.78 25.47
C GLN A 342 1.66 5.47 26.47
N ALA A 343 2.25 6.12 27.48
CA ALA A 343 1.46 6.91 28.43
C ALA A 343 0.75 8.06 27.74
N THR A 344 1.38 8.71 26.75
CA THR A 344 0.66 9.78 26.03
C THR A 344 -0.57 9.22 25.34
N VAL A 345 -0.46 8.00 24.79
CA VAL A 345 -1.61 7.38 24.13
C VAL A 345 -2.73 7.12 25.13
N MET A 346 -2.38 6.59 26.29
CA MET A 346 -3.39 6.31 27.31
C MET A 346 -4.05 7.61 27.79
N LEU A 347 -3.26 8.66 27.97
CA LEU A 347 -3.83 9.94 28.42
C LEU A 347 -4.73 10.57 27.35
N ARG A 348 -4.32 10.49 26.08
CA ARG A 348 -5.24 10.96 25.03
C ARG A 348 -6.51 10.15 25.03
N GLN A 349 -6.40 8.83 25.19
CA GLN A 349 -7.63 8.02 25.21
C GLN A 349 -8.52 8.32 26.42
N ALA A 350 -7.96 8.88 27.48
CA ALA A 350 -8.72 9.34 28.63
C ALA A 350 -9.19 10.79 28.50
N GLY A 351 -8.96 11.42 27.34
CA GLY A 351 -9.49 12.76 27.12
C GLY A 351 -8.57 13.91 27.46
N PHE A 352 -7.32 13.64 27.82
CA PHE A 352 -6.37 14.72 28.04
C PHE A 352 -5.82 15.21 26.71
N GLU A 353 -6.03 16.49 26.40
CA GLU A 353 -5.67 17.01 25.09
C GLU A 353 -4.35 17.80 25.04
N ARG A 354 -3.73 18.10 26.18
CA ARG A 354 -2.42 18.76 26.15
C ARG A 354 -1.44 17.82 26.85
N VAL A 355 -0.80 16.95 26.07
CA VAL A 355 0.06 15.89 26.57
C VAL A 355 1.21 15.77 25.60
N ALA A 356 2.42 15.61 26.13
CA ALA A 356 3.58 15.39 25.30
C ALA A 356 4.55 14.44 26.00
N ASN A 357 5.33 13.76 25.18
CA ASN A 357 6.40 12.87 25.62
C ASN A 357 7.73 13.60 25.78
N LEU A 358 8.50 13.22 26.78
CA LEU A 358 9.89 13.67 26.84
C LEU A 358 10.81 12.75 26.03
N PRO A 359 11.28 13.15 24.85
CA PRO A 359 12.02 12.21 24.02
C PRO A 359 13.35 11.89 24.69
N GLY A 360 13.76 10.60 24.61
CA GLY A 360 15.04 10.21 25.16
C GLY A 360 15.01 9.92 26.64
N GLY A 361 13.96 10.30 27.34
CA GLY A 361 13.73 9.99 28.74
C GLY A 361 14.82 10.55 29.67
N MET A 362 14.89 9.93 30.84
CA MET A 362 15.87 10.29 31.87
C MET A 362 17.30 10.03 31.42
N LEU A 363 17.52 9.03 30.57
CA LEU A 363 18.89 8.81 30.09
C LEU A 363 19.41 10.03 29.37
N ARG A 364 18.63 10.55 28.42
CA ARG A 364 19.09 11.71 27.68
C ARG A 364 19.12 12.95 28.58
N TRP A 365 18.12 13.09 29.47
CA TRP A 365 18.12 14.20 30.42
C TRP A 365 19.42 14.25 31.22
N ARG A 366 19.85 13.09 31.74
CA ARG A 366 21.11 13.03 32.49
C ARG A 366 22.30 13.23 31.57
N ALA A 367 22.26 12.67 30.36
CA ALA A 367 23.37 12.80 29.42
C ALA A 367 23.63 14.27 29.09
N GLU A 368 22.58 15.09 29.09
CA GLU A 368 22.74 16.52 28.83
C GLU A 368 22.96 17.35 30.10
N GLY A 369 23.13 16.71 31.26
CA GLY A 369 23.47 17.43 32.50
C GLY A 369 22.34 18.25 33.08
N ARG A 370 21.09 17.92 32.72
CA ARG A 370 19.92 18.71 33.10
C ARG A 370 19.54 18.43 34.56
N VAL A 371 18.84 19.40 35.17
CA VAL A 371 18.66 19.40 36.60
C VAL A 371 17.84 18.21 37.09
N VAL A 372 18.24 17.66 38.26
CA VAL A 372 17.47 16.57 38.87
C VAL A 372 17.31 16.89 40.33
N GLU A 373 16.32 16.26 40.94
CA GLU A 373 16.23 16.31 42.40
C GLU A 373 17.44 15.59 42.99
N GLY B 18 20.14 -5.59 -17.44
CA GLY B 18 20.77 -6.40 -16.42
C GLY B 18 19.91 -7.60 -16.11
N SER B 19 20.53 -8.77 -15.93
CA SER B 19 19.77 -10.00 -15.78
C SER B 19 19.54 -10.31 -14.30
N HIS B 20 18.55 -11.18 -14.05
CA HIS B 20 18.23 -11.67 -12.72
C HIS B 20 17.98 -10.50 -11.77
N MET B 21 17.23 -9.52 -12.26
CA MET B 21 16.77 -8.46 -11.41
C MET B 21 15.52 -8.89 -10.69
N LEU B 22 15.13 -8.08 -9.71
CA LEU B 22 14.02 -8.45 -8.85
C LEU B 22 12.73 -7.85 -9.40
N ILE B 23 11.75 -8.70 -9.64
CA ILE B 23 10.38 -8.25 -9.87
C ILE B 23 9.71 -8.26 -8.53
N PHE B 24 9.05 -7.16 -8.16
CA PHE B 24 8.58 -7.04 -6.79
C PHE B 24 7.19 -6.46 -6.80
N ARG B 25 6.25 -7.07 -6.09
CA ARG B 25 4.92 -6.45 -5.96
C ARG B 25 4.46 -6.57 -4.53
N GLN B 26 4.08 -5.44 -3.95
CA GLN B 26 3.44 -5.42 -2.64
C GLN B 26 1.94 -5.33 -2.86
N LEU B 27 1.18 -6.19 -2.19
CA LEU B 27 -0.26 -6.22 -2.34
C LEU B 27 -0.88 -6.14 -0.97
N PHE B 28 -2.01 -5.45 -0.87
CA PHE B 28 -2.63 -5.19 0.42
C PHE B 28 -4.01 -5.86 0.44
N ASP B 29 -4.33 -6.51 1.56
CA ASP B 29 -5.63 -7.11 1.80
C ASP B 29 -6.35 -6.18 2.77
N GLN B 30 -7.42 -5.54 2.29
CA GLN B 30 -8.04 -4.50 3.11
C GLN B 30 -8.70 -5.08 4.34
N GLN B 31 -9.31 -6.27 4.22
CA GLN B 31 -10.01 -6.82 5.37
C GLN B 31 -9.07 -7.00 6.58
N SER B 32 -7.85 -7.47 6.38
CA SER B 32 -7.01 -7.82 7.52
C SER B 32 -5.79 -6.93 7.61
N SER B 33 -5.66 -5.95 6.71
CA SER B 33 -4.52 -5.03 6.66
C SER B 33 -3.21 -5.75 6.42
N THR B 34 -3.26 -6.88 5.69
CA THR B 34 -2.07 -7.70 5.50
C THR B 34 -1.37 -7.26 4.22
N TYR B 35 -0.04 -7.23 4.27
CA TYR B 35 0.73 -7.14 3.02
C TYR B 35 1.18 -8.53 2.57
N THR B 36 1.00 -8.82 1.30
CA THR B 36 1.51 -10.02 0.64
C THR B 36 2.58 -9.53 -0.32
N TYR B 37 3.63 -10.31 -0.50
CA TYR B 37 4.74 -9.87 -1.32
C TYR B 37 5.04 -10.94 -2.36
N LEU B 38 5.04 -10.52 -3.60
CA LEU B 38 5.39 -11.35 -4.73
C LEU B 38 6.79 -10.95 -5.16
N LEU B 39 7.71 -11.91 -5.20
CA LEU B 39 9.09 -11.66 -5.61
C LEU B 39 9.44 -12.62 -6.74
N ALA B 40 10.18 -12.15 -7.74
CA ALA B 40 10.52 -13.06 -8.83
C ALA B 40 11.85 -12.67 -9.46
N ASP B 41 12.49 -13.64 -10.10
CA ASP B 41 13.72 -13.42 -10.84
C ASP B 41 13.32 -12.95 -12.24
N SER B 42 13.80 -11.78 -12.66
CA SER B 42 13.34 -11.18 -13.91
C SER B 42 13.74 -11.98 -15.14
N THR B 43 14.79 -12.80 -15.04
CA THR B 43 15.20 -13.63 -16.18
C THR B 43 14.50 -14.99 -16.22
N THR B 44 14.50 -15.74 -15.11
CA THR B 44 13.91 -17.08 -15.14
C THR B 44 12.39 -17.02 -14.90
N ARG B 45 11.87 -15.92 -14.34
CA ARG B 45 10.47 -15.75 -13.99
CA ARG B 45 10.47 -15.73 -13.97
C ARG B 45 10.04 -16.65 -12.84
N GLU B 46 10.96 -17.34 -12.17
CA GLU B 46 10.56 -18.11 -11.00
C GLU B 46 10.31 -17.16 -9.83
N ALA B 47 9.36 -17.52 -8.98
CA ALA B 47 8.83 -16.58 -8.01
C ALA B 47 8.53 -17.26 -6.68
N VAL B 48 8.40 -16.40 -5.66
CA VAL B 48 7.88 -16.82 -4.36
C VAL B 48 6.88 -15.75 -3.91
N LEU B 49 5.97 -16.17 -3.02
CA LEU B 49 4.86 -15.34 -2.55
C LEU B 49 4.86 -15.39 -1.04
N ILE B 50 5.12 -14.25 -0.39
CA ILE B 50 5.21 -14.18 1.06
C ILE B 50 3.84 -13.77 1.61
N ASP B 51 3.31 -14.56 2.57
CA ASP B 51 2.04 -14.29 3.26
C ASP B 51 0.84 -14.08 2.32
N PRO B 52 0.54 -15.05 1.46
CA PRO B 52 -0.73 -14.98 0.67
C PRO B 52 -1.97 -15.06 1.55
N VAL B 53 -3.02 -14.32 1.17
CA VAL B 53 -4.26 -14.31 1.95
C VAL B 53 -5.29 -15.18 1.24
N PHE B 54 -6.02 -16.00 2.00
CA PHE B 54 -7.01 -16.88 1.40
C PHE B 54 -7.99 -16.14 0.46
N GLU B 55 -8.59 -15.04 0.92
CA GLU B 55 -9.60 -14.39 0.09
CA GLU B 55 -9.60 -14.38 0.10
C GLU B 55 -9.01 -13.73 -1.14
N GLN B 56 -7.69 -13.67 -1.28
CA GLN B 56 -7.02 -13.06 -2.42
C GLN B 56 -6.35 -14.09 -3.32
N VAL B 57 -6.63 -15.39 -3.15
CA VAL B 57 -5.94 -16.40 -3.94
C VAL B 57 -6.19 -16.20 -5.43
N ARG B 58 -7.41 -15.84 -5.82
CA ARG B 58 -7.68 -15.63 -7.25
C ARG B 58 -6.90 -14.44 -7.79
N ARG B 59 -6.85 -13.37 -6.99
CA ARG B 59 -6.08 -12.18 -7.33
C ARG B 59 -4.61 -12.50 -7.49
N ASP B 60 -4.03 -13.18 -6.50
CA ASP B 60 -2.61 -13.49 -6.52
C ASP B 60 -2.28 -14.42 -7.70
N ALA B 61 -3.07 -15.47 -7.89
CA ALA B 61 -2.87 -16.34 -9.06
C ALA B 61 -2.95 -15.53 -10.38
N ALA B 62 -3.97 -14.66 -10.51
CA ALA B 62 -4.11 -13.89 -11.75
C ALA B 62 -2.88 -13.00 -12.00
N LEU B 63 -2.30 -12.42 -10.94
CA LEU B 63 -1.11 -11.60 -11.09
C LEU B 63 0.06 -12.45 -11.55
N ILE B 64 0.20 -13.63 -10.95
CA ILE B 64 1.31 -14.52 -11.29
C ILE B 64 1.20 -14.91 -12.75
N GLU B 65 -0.02 -15.19 -13.21
CA GLU B 65 -0.21 -15.54 -14.61
C GLU B 65 0.01 -14.34 -15.54
N GLU B 66 -0.44 -13.12 -15.16
CA GLU B 66 -0.31 -11.97 -16.08
C GLU B 66 1.14 -11.52 -16.19
N LEU B 67 1.93 -11.75 -15.13
CA LEU B 67 3.36 -11.46 -15.15
C LEU B 67 4.17 -12.62 -15.72
N GLY B 68 3.51 -13.71 -16.07
CA GLY B 68 4.19 -14.86 -16.68
C GLY B 68 5.16 -15.53 -15.74
N LEU B 69 4.82 -15.66 -14.47
CA LEU B 69 5.76 -16.22 -13.49
C LEU B 69 5.42 -17.67 -13.15
N HIS B 70 6.42 -18.38 -12.61
CA HIS B 70 6.24 -19.74 -12.12
C HIS B 70 6.41 -19.65 -10.59
N LEU B 71 5.34 -19.88 -9.84
CA LEU B 71 5.36 -19.77 -8.38
C LEU B 71 5.95 -21.03 -7.78
N LEU B 72 7.16 -20.92 -7.26
CA LEU B 72 7.81 -22.06 -6.64
C LEU B 72 7.29 -22.32 -5.23
N TYR B 73 7.16 -21.27 -4.43
CA TYR B 73 6.85 -21.39 -3.01
C TYR B 73 5.87 -20.32 -2.60
N THR B 74 5.00 -20.66 -1.65
CA THR B 74 4.43 -19.65 -0.78
C THR B 74 5.19 -19.77 0.54
N ILE B 75 5.43 -18.64 1.20
CA ILE B 75 6.14 -18.63 2.49
C ILE B 75 5.29 -17.87 3.49
N ASP B 76 4.98 -18.49 4.60
CA ASP B 76 4.32 -17.77 5.68
C ASP B 76 5.36 -17.35 6.71
N THR B 77 5.39 -16.05 7.05
CA THR B 77 6.37 -15.60 8.04
C THR B 77 6.05 -16.16 9.39
N HIS B 78 4.79 -16.51 9.64
CA HIS B 78 4.34 -17.08 10.90
C HIS B 78 2.93 -17.63 10.71
N VAL B 79 2.40 -18.27 11.75
CA VAL B 79 0.99 -18.64 11.84
C VAL B 79 0.18 -17.36 12.09
N HIS B 80 -0.63 -16.95 11.11
CA HIS B 80 -1.34 -15.66 11.18
C HIS B 80 -2.60 -15.79 12.00
N ALA B 81 -2.86 -14.78 12.83
CA ALA B 81 -4.03 -14.83 13.69
C ALA B 81 -5.19 -14.08 13.08
N ASP B 82 -4.96 -13.33 12.01
CA ASP B 82 -5.88 -12.32 11.52
C ASP B 82 -6.52 -12.71 10.20
N HIS B 83 -5.99 -13.74 9.54
CA HIS B 83 -6.50 -14.17 8.24
C HIS B 83 -6.01 -15.58 8.03
N VAL B 84 -6.71 -16.29 7.14
CA VAL B 84 -6.31 -17.64 6.76
C VAL B 84 -5.31 -17.54 5.62
N THR B 85 -4.23 -18.29 5.70
CA THR B 85 -3.27 -18.24 4.60
C THR B 85 -3.86 -18.81 3.29
N GLY B 86 -3.40 -18.28 2.16
CA GLY B 86 -3.80 -18.91 0.91
C GLY B 86 -2.87 -20.00 0.44
N ALA B 87 -1.91 -20.39 1.27
CA ALA B 87 -0.91 -21.37 0.85
C ALA B 87 -1.52 -22.69 0.37
N TRP B 88 -2.47 -23.26 1.11
CA TRP B 88 -3.03 -24.56 0.73
C TRP B 88 -3.75 -24.47 -0.62
N MET B 89 -4.56 -23.43 -0.80
CA MET B 89 -5.31 -23.24 -2.06
C MET B 89 -4.39 -22.99 -3.24
N LEU B 90 -3.32 -22.19 -3.04
CA LEU B 90 -2.38 -21.96 -4.13
C LEU B 90 -1.64 -23.23 -4.48
N ASN B 91 -1.33 -24.06 -3.49
CA ASN B 91 -0.74 -25.36 -3.77
C ASN B 91 -1.71 -26.22 -4.56
N ARG B 92 -2.99 -26.24 -4.16
CA ARG B 92 -3.96 -27.03 -4.86
C ARG B 92 -4.18 -26.53 -6.29
N ARG B 93 -4.13 -25.24 -6.50
CA ARG B 93 -4.54 -24.73 -7.81
C ARG B 93 -3.40 -24.61 -8.80
N ILE B 94 -2.24 -24.16 -8.34
CA ILE B 94 -1.12 -23.94 -9.25
C ILE B 94 0.15 -24.65 -8.83
N GLY B 95 0.13 -25.50 -7.79
CA GLY B 95 1.25 -26.39 -7.53
C GLY B 95 2.42 -25.79 -6.78
N SER B 96 2.32 -24.55 -6.28
CA SER B 96 3.39 -23.98 -5.46
C SER B 96 3.58 -24.82 -4.20
N ARG B 97 4.84 -24.93 -3.75
CA ARG B 97 5.16 -25.65 -2.52
C ARG B 97 4.94 -24.75 -1.30
N ILE B 98 4.44 -25.33 -0.23
CA ILE B 98 4.11 -24.60 1.00
C ILE B 98 5.32 -24.58 1.96
N ALA B 99 5.80 -23.40 2.34
CA ALA B 99 6.93 -23.24 3.24
C ALA B 99 6.47 -22.46 4.46
N ILE B 100 6.88 -22.94 5.64
CA ILE B 100 6.63 -22.23 6.88
C ILE B 100 7.75 -22.59 7.85
N SER B 101 7.88 -21.84 8.94
CA SER B 101 8.98 -22.14 9.86
CA SER B 101 8.95 -22.11 9.90
C SER B 101 8.75 -23.48 10.57
N ALA B 102 9.85 -24.17 10.85
CA ALA B 102 9.78 -25.40 11.64
C ALA B 102 9.22 -25.14 13.01
N ALA B 103 9.48 -23.94 13.57
CA ALA B 103 9.08 -23.65 14.94
C ALA B 103 7.63 -23.25 15.05
N SER B 104 6.88 -23.16 13.96
CA SER B 104 5.50 -22.69 14.07
C SER B 104 4.56 -23.72 14.67
N GLY B 105 4.87 -25.01 14.59
CA GLY B 105 3.98 -25.99 15.12
C GLY B 105 2.88 -26.35 14.14
N ALA B 106 3.03 -25.95 12.89
CA ALA B 106 2.05 -26.28 11.86
C ALA B 106 2.27 -27.72 11.37
N GLU B 107 1.30 -28.21 10.61
CA GLU B 107 1.38 -29.52 9.98
C GLU B 107 0.94 -29.29 8.53
N GLY B 108 1.52 -30.01 7.58
CA GLY B 108 1.07 -29.97 6.20
C GLY B 108 1.95 -29.19 5.25
N ALA B 109 3.05 -28.59 5.70
CA ALA B 109 3.89 -27.84 4.76
C ALA B 109 4.73 -28.79 3.91
N ASP B 110 5.15 -28.31 2.75
CA ASP B 110 6.12 -29.04 1.94
C ASP B 110 7.54 -28.86 2.45
N ARG B 111 7.80 -27.73 3.10
CA ARG B 111 9.15 -27.40 3.49
C ARG B 111 9.07 -26.63 4.81
N TYR B 112 9.81 -27.07 5.81
CA TYR B 112 9.84 -26.38 7.09
C TYR B 112 11.16 -25.63 7.18
N LEU B 113 11.09 -24.36 7.54
CA LEU B 113 12.24 -23.45 7.45
C LEU B 113 12.87 -23.23 8.82
N SER B 114 14.20 -23.24 8.87
CA SER B 114 14.97 -22.94 10.08
C SER B 114 15.98 -21.84 9.75
N HIS B 115 16.57 -21.26 10.80
N HIS B 115 16.56 -21.26 10.80
CA HIS B 115 17.55 -20.19 10.67
CA HIS B 115 17.48 -20.14 10.61
C HIS B 115 18.65 -20.58 9.68
C HIS B 115 18.64 -20.56 9.70
N GLY B 116 18.99 -19.68 8.77
CA GLY B 116 20.02 -19.97 7.81
C GLY B 116 19.56 -20.66 6.52
N ASP B 117 18.33 -21.18 6.46
CA ASP B 117 17.81 -21.77 5.22
C ASP B 117 17.70 -20.72 4.13
N LYS B 118 17.95 -21.11 2.89
CA LYS B 118 17.82 -20.21 1.75
C LYS B 118 16.67 -20.69 0.90
N VAL B 119 15.75 -19.80 0.56
CA VAL B 119 14.65 -20.11 -0.32
C VAL B 119 14.97 -19.54 -1.70
N GLU B 120 15.23 -20.41 -2.64
CA GLU B 120 15.80 -20.06 -3.92
C GLU B 120 14.72 -19.83 -4.97
N PHE B 121 14.91 -18.80 -5.79
CA PHE B 121 14.06 -18.65 -6.97
C PHE B 121 14.91 -18.03 -8.06
N GLY B 122 15.15 -18.77 -9.12
CA GLY B 122 16.12 -18.28 -10.09
C GLY B 122 17.48 -18.31 -9.45
N THR B 123 18.28 -17.29 -9.76
CA THR B 123 19.53 -17.09 -9.05
C THR B 123 19.37 -16.25 -7.78
N ARG B 124 18.16 -15.84 -7.44
CA ARG B 124 17.95 -15.03 -6.26
C ARG B 124 17.53 -15.94 -5.10
N TYR B 125 17.62 -15.42 -3.87
CA TYR B 125 17.17 -16.17 -2.71
C TYR B 125 16.83 -15.22 -1.56
N LEU B 126 15.97 -15.72 -0.66
CA LEU B 126 15.75 -15.18 0.69
C LEU B 126 16.48 -16.10 1.67
N THR B 127 17.09 -15.49 2.69
CA THR B 127 17.70 -16.22 3.79
C THR B 127 16.78 -16.07 4.99
N VAL B 128 16.56 -17.16 5.70
CA VAL B 128 15.68 -17.19 6.87
C VAL B 128 16.47 -16.75 8.09
N ARG B 129 15.98 -15.72 8.80
CA ARG B 129 16.47 -15.45 10.16
C ARG B 129 15.36 -15.74 11.14
N ALA B 130 15.67 -16.49 12.21
CA ALA B 130 14.65 -16.79 13.22
C ALA B 130 14.38 -15.52 14.06
N THR B 131 13.16 -15.02 14.06
CA THR B 131 12.82 -13.80 14.81
C THR B 131 11.53 -14.00 15.61
N PRO B 132 11.53 -14.92 16.56
CA PRO B 132 10.30 -15.15 17.35
C PRO B 132 10.05 -14.01 18.33
N GLY B 133 8.87 -14.06 18.96
CA GLY B 133 8.45 -13.01 19.86
C GLY B 133 6.98 -12.69 19.77
N HIS B 134 6.52 -12.41 18.54
CA HIS B 134 5.10 -12.33 18.26
C HIS B 134 4.48 -13.71 18.38
N THR B 135 5.13 -14.72 17.77
CA THR B 135 4.87 -16.13 17.97
C THR B 135 6.21 -16.84 18.15
N ASP B 136 6.12 -18.12 18.51
CA ASP B 136 7.28 -19.01 18.57
CA ASP B 136 7.32 -18.97 18.56
C ASP B 136 7.92 -19.27 17.20
N GLY B 137 7.16 -19.13 16.13
CA GLY B 137 7.66 -19.52 14.83
C GLY B 137 7.84 -18.39 13.83
N CYS B 138 7.93 -17.14 14.30
CA CYS B 138 8.15 -16.05 13.35
C CYS B 138 9.54 -16.13 12.74
N ILE B 139 9.61 -15.81 11.45
CA ILE B 139 10.86 -15.72 10.74
C ILE B 139 10.85 -14.42 9.98
N THR B 140 12.05 -13.97 9.66
CA THR B 140 12.27 -12.78 8.86
C THR B 140 13.01 -13.26 7.63
N LEU B 141 12.63 -12.75 6.46
CA LEU B 141 13.18 -13.25 5.21
C LEU B 141 14.03 -12.14 4.64
N VAL B 142 15.31 -12.43 4.40
CA VAL B 142 16.27 -11.40 4.04
C VAL B 142 16.71 -11.63 2.60
N LEU B 143 16.53 -10.64 1.73
CA LEU B 143 16.91 -10.82 0.34
C LEU B 143 18.42 -10.98 0.27
N ASP B 144 18.88 -11.80 -0.70
CA ASP B 144 20.29 -12.12 -0.87
C ASP B 144 21.22 -10.93 -0.68
N ASN B 145 20.95 -9.83 -1.35
CA ASN B 145 21.87 -8.70 -1.33
C ASN B 145 21.59 -7.77 -0.14
N GLU B 146 20.64 -8.12 0.73
CA GLU B 146 20.34 -7.38 1.95
C GLU B 146 19.91 -5.96 1.69
N THR B 147 19.26 -5.69 0.54
CA THR B 147 18.64 -4.39 0.29
C THR B 147 17.22 -4.33 0.82
N MET B 148 16.64 -5.48 1.18
CA MET B 148 15.31 -5.48 1.77
C MET B 148 15.15 -6.77 2.55
N ALA B 149 14.20 -6.76 3.48
CA ALA B 149 13.91 -7.88 4.37
C ALA B 149 12.45 -7.81 4.69
N PHE B 150 11.85 -8.97 4.96
CA PHE B 150 10.41 -9.08 5.16
C PHE B 150 10.28 -9.52 6.61
N THR B 151 9.70 -8.62 7.44
CA THR B 151 9.82 -8.78 8.89
C THR B 151 8.59 -9.39 9.52
N GLY B 152 7.57 -9.76 8.74
CA GLY B 152 6.42 -10.39 9.35
C GLY B 152 5.71 -9.44 10.31
N ASP B 153 5.26 -10.00 11.43
CA ASP B 153 4.72 -9.19 12.53
C ASP B 153 5.74 -9.04 13.64
N CYS B 154 7.02 -9.28 13.35
CA CYS B 154 8.01 -9.09 14.37
C CYS B 154 8.20 -7.58 14.56
N LEU B 155 8.75 -6.94 13.54
CA LEU B 155 8.95 -5.49 13.50
C LEU B 155 7.94 -4.92 12.51
N LEU B 156 7.20 -3.91 12.92
CA LEU B 156 6.27 -3.22 12.04
C LEU B 156 6.80 -1.80 11.85
N ILE B 157 6.11 -0.99 11.03
CA ILE B 157 6.57 0.39 10.80
C ILE B 157 6.30 1.20 12.07
N ARG B 158 7.39 1.64 12.73
CA ARG B 158 7.31 2.35 14.02
C ARG B 158 6.49 1.57 15.04
N GLY B 159 6.58 0.25 15.03
CA GLY B 159 5.85 -0.50 16.03
C GLY B 159 6.32 -1.93 16.02
N THR B 160 5.54 -2.79 16.66
CA THR B 160 5.83 -4.23 16.62
C THR B 160 4.51 -4.99 16.63
N GLY B 161 4.58 -6.29 16.29
CA GLY B 161 3.43 -7.15 16.54
C GLY B 161 3.15 -7.34 18.02
N ARG B 162 1.93 -7.78 18.35
CA ARG B 162 1.63 -7.96 19.76
C ARG B 162 2.28 -9.26 20.25
N THR B 163 2.43 -9.37 21.57
CA THR B 163 3.18 -10.47 22.14
C THR B 163 2.37 -11.27 23.14
N ASP B 164 1.05 -11.08 23.19
CA ASP B 164 0.26 -11.71 24.24
C ASP B 164 -0.50 -12.97 23.78
N PHE B 165 -0.30 -13.47 22.56
CA PHE B 165 -0.91 -14.74 22.14
C PHE B 165 0.13 -15.60 21.43
N GLN B 166 -0.26 -16.84 21.08
CA GLN B 166 0.56 -17.67 20.18
C GLN B 166 1.98 -17.90 20.72
N ARG B 167 2.07 -18.10 22.04
CA ARG B 167 3.33 -18.29 22.75
C ARG B 167 4.25 -17.08 22.60
N GLY B 168 3.68 -15.90 22.35
CA GLY B 168 4.52 -14.73 22.16
C GLY B 168 5.24 -14.37 23.45
N ASP B 169 6.29 -13.56 23.34
CA ASP B 169 7.10 -13.21 24.51
C ASP B 169 7.84 -11.92 24.16
N ALA B 170 7.62 -10.88 24.94
CA ALA B 170 8.22 -9.59 24.59
C ALA B 170 9.74 -9.61 24.76
N HIS B 171 10.23 -10.34 25.75
CA HIS B 171 11.69 -10.45 25.92
C HIS B 171 12.31 -11.05 24.67
N THR B 172 11.70 -12.13 24.17
CA THR B 172 12.21 -12.77 22.97
C THR B 172 12.12 -11.85 21.76
N MET B 173 11.01 -11.14 21.60
CA MET B 173 10.85 -10.19 20.51
C MET B 173 11.95 -9.12 20.52
N PHE B 174 12.22 -8.51 21.67
CA PHE B 174 13.26 -7.50 21.77
C PHE B 174 14.60 -8.04 21.29
N ARG B 175 14.99 -9.22 21.79
CA ARG B 175 16.28 -9.80 21.42
C ARG B 175 16.32 -10.14 19.95
N ALA B 176 15.19 -10.63 19.42
CA ALA B 176 15.09 -10.95 17.99
C ALA B 176 15.29 -9.72 17.13
N VAL B 177 14.59 -8.62 17.46
CA VAL B 177 14.75 -7.41 16.67
C VAL B 177 16.18 -6.90 16.74
N HIS B 178 16.71 -6.79 17.97
CA HIS B 178 18.06 -6.26 18.12
C HIS B 178 19.09 -7.20 17.51
N GLY B 179 18.89 -8.51 17.63
CA GLY B 179 19.92 -9.41 17.16
C GLY B 179 19.84 -9.78 15.68
N GLN B 180 18.65 -9.74 15.10
CA GLN B 180 18.46 -10.26 13.75
C GLN B 180 18.07 -9.20 12.73
N ILE B 181 17.41 -8.12 13.16
CA ILE B 181 16.89 -7.13 12.25
C ILE B 181 17.73 -5.86 12.31
N PHE B 182 18.04 -5.38 13.52
CA PHE B 182 18.85 -4.16 13.60
C PHE B 182 20.30 -4.40 13.21
N THR B 183 20.70 -5.64 12.96
CA THR B 183 22.06 -5.91 12.51
C THR B 183 22.13 -5.94 10.98
N LEU B 184 21.01 -5.77 10.27
CA LEU B 184 21.05 -5.62 8.82
C LEU B 184 21.60 -4.23 8.48
N PRO B 185 22.01 -4.00 7.22
CA PRO B 185 22.53 -2.66 6.84
C PRO B 185 21.49 -1.55 7.08
N THR B 186 22.01 -0.35 7.39
N THR B 186 21.98 -0.34 7.37
CA THR B 186 21.16 0.79 7.73
CA THR B 186 21.06 0.73 7.77
C THR B 186 20.11 1.04 6.65
C THR B 186 20.11 1.13 6.64
N ALA B 187 20.56 1.02 5.37
CA ALA B 187 19.74 1.31 4.21
C ALA B 187 18.76 0.21 3.86
N CYS B 188 18.80 -0.94 4.56
CA CYS B 188 17.97 -2.08 4.19
C CYS B 188 16.51 -1.76 4.44
N LEU B 189 15.68 -1.95 3.41
CA LEU B 189 14.25 -1.71 3.54
C LEU B 189 13.60 -2.84 4.30
N LEU B 190 12.58 -2.52 5.09
CA LEU B 190 11.91 -3.50 5.91
C LEU B 190 10.44 -3.48 5.54
N TYR B 191 9.94 -4.61 5.08
CA TYR B 191 8.58 -4.73 4.62
C TYR B 191 7.79 -5.55 5.61
N PRO B 192 6.80 -4.99 6.28
CA PRO B 192 6.10 -5.70 7.36
C PRO B 192 4.88 -6.45 6.83
N ALA B 193 4.33 -7.33 7.68
CA ALA B 193 3.20 -8.12 7.24
C ALA B 193 1.88 -7.40 7.44
N HIS B 194 1.86 -6.30 8.20
CA HIS B 194 0.63 -5.53 8.35
C HIS B 194 0.98 -4.04 8.45
N ASP B 195 0.01 -3.19 8.13
CA ASP B 195 0.10 -1.77 8.47
C ASP B 195 -1.28 -1.19 8.46
N TYR B 196 -1.56 -0.31 9.43
CA TYR B 196 -2.93 0.19 9.61
C TYR B 196 -3.05 1.66 9.29
N ARG B 197 -1.97 2.29 8.82
CA ARG B 197 -1.94 3.74 8.58
C ARG B 197 -1.56 4.08 7.13
N GLY B 198 -1.61 3.14 6.21
CA GLY B 198 -1.25 3.49 4.84
C GLY B 198 0.24 3.59 4.61
N LEU B 199 1.07 3.07 5.52
CA LEU B 199 2.51 3.11 5.31
C LEU B 199 2.96 1.79 4.68
N THR B 200 3.93 1.83 3.76
CA THR B 200 4.27 0.64 3.01
C THR B 200 5.61 0.04 3.36
N VAL B 201 6.56 0.82 3.90
CA VAL B 201 7.91 0.29 4.10
C VAL B 201 8.60 1.17 5.12
N THR B 202 9.62 0.63 5.76
CA THR B 202 10.47 1.35 6.67
C THR B 202 11.89 0.85 6.41
N SER B 203 12.82 1.15 7.29
CA SER B 203 14.21 0.84 7.00
C SER B 203 14.91 0.61 8.32
N VAL B 204 16.04 -0.07 8.27
CA VAL B 204 16.74 -0.43 9.51
C VAL B 204 17.12 0.83 10.28
N GLY B 205 17.79 1.77 9.60
CA GLY B 205 18.23 3.02 10.26
C GLY B 205 17.07 3.75 10.91
N GLU B 206 15.94 3.88 10.18
CA GLU B 206 14.76 4.54 10.75
C GLU B 206 14.33 3.85 12.03
N GLU B 207 14.12 2.53 11.96
CA GLU B 207 13.57 1.86 13.11
C GLU B 207 14.56 1.84 14.24
N ARG B 208 15.84 1.60 13.94
CA ARG B 208 16.83 1.57 15.00
C ARG B 208 16.80 2.88 15.80
N ARG B 209 16.69 3.99 15.10
CA ARG B 209 16.72 5.29 15.77
CA ARG B 209 16.72 5.29 15.76
CA ARG B 209 16.72 5.29 15.77
C ARG B 209 15.37 5.67 16.35
N PHE B 210 14.27 5.49 15.58
CA PHE B 210 12.98 6.09 15.91
C PHE B 210 11.87 5.13 16.34
N ASN B 211 12.07 3.84 16.28
CA ASN B 211 10.99 2.95 16.75
C ASN B 211 10.63 3.29 18.21
N PRO B 212 9.38 3.68 18.48
CA PRO B 212 9.06 4.23 19.82
C PRO B 212 8.95 3.14 20.88
N ARG B 213 8.92 1.85 20.51
CA ARG B 213 8.83 0.75 21.49
C ARG B 213 10.19 0.19 21.87
N LEU B 214 11.09 0.09 20.91
CA LEU B 214 12.33 -0.61 21.22
C LEU B 214 13.51 -0.03 20.43
N GLY B 215 13.35 1.16 19.84
CA GLY B 215 14.45 1.86 19.19
C GLY B 215 15.19 2.76 20.17
N GLY B 216 16.06 3.61 19.61
CA GLY B 216 16.80 4.58 20.41
C GLY B 216 17.64 3.85 21.44
N GLU B 217 17.56 4.31 22.69
CA GLU B 217 18.31 3.68 23.77
C GLU B 217 17.42 2.84 24.68
N LEU B 218 16.24 2.44 24.19
CA LEU B 218 15.33 1.64 24.99
C LEU B 218 15.93 0.26 25.28
N CYS B 219 15.71 -0.23 26.48
CA CYS B 219 16.24 -1.52 26.88
C CYS B 219 15.10 -2.51 26.94
N GLU B 220 15.45 -3.77 27.20
CA GLU B 220 14.46 -4.82 27.11
C GLU B 220 13.32 -4.60 28.12
N GLU B 221 13.64 -4.19 29.35
CA GLU B 221 12.58 -3.90 30.32
C GLU B 221 11.71 -2.70 29.91
N ASP B 222 12.27 -1.68 29.23
CA ASP B 222 11.42 -0.60 28.73
C ASP B 222 10.39 -1.15 27.77
N PHE B 223 10.85 -1.99 26.85
CA PHE B 223 9.99 -2.61 25.85
C PHE B 223 8.93 -3.51 26.48
N THR B 224 9.31 -4.37 27.44
CA THR B 224 8.27 -5.23 27.99
C THR B 224 7.26 -4.43 28.82
N GLY B 225 7.73 -3.38 29.54
CA GLY B 225 6.79 -2.49 30.23
C GLY B 225 5.80 -1.86 29.28
N TYR B 226 6.26 -1.52 28.08
CA TYR B 226 5.40 -0.98 27.03
C TYR B 226 4.36 -2.02 26.59
N MET B 227 4.82 -3.21 26.21
CA MET B 227 3.90 -4.21 25.66
C MET B 227 2.93 -4.73 26.70
N THR B 228 3.32 -4.80 27.96
CA THR B 228 2.40 -5.21 29.01
C THR B 228 1.22 -4.26 29.15
N ASN B 229 1.37 -2.99 28.75
CA ASN B 229 0.30 -2.01 28.96
C ASN B 229 -0.41 -1.55 27.69
N LEU B 230 -0.27 -2.29 26.57
CA LEU B 230 -1.10 -2.05 25.38
C LEU B 230 -2.59 -2.37 25.62
N HIS B 231 -2.88 -3.50 26.28
CA HIS B 231 -4.24 -3.92 26.57
C HIS B 231 -5.13 -3.80 25.33
N LEU B 232 -4.72 -4.50 24.30
CA LEU B 232 -5.40 -4.50 23.02
C LEU B 232 -6.64 -5.40 23.04
N PRO B 233 -7.62 -5.09 22.19
CA PRO B 233 -8.78 -5.99 22.05
C PRO B 233 -8.36 -7.41 21.67
N HIS B 234 -9.24 -8.34 21.98
CA HIS B 234 -9.02 -9.73 21.59
C HIS B 234 -8.88 -9.83 20.06
N PRO B 235 -7.85 -10.49 19.54
CA PRO B 235 -7.72 -10.64 18.08
C PRO B 235 -8.98 -11.26 17.49
N LYS B 236 -9.51 -10.60 16.47
CA LYS B 236 -10.90 -10.81 16.09
C LYS B 236 -11.13 -12.17 15.42
N GLN B 237 -10.12 -12.71 14.72
CA GLN B 237 -10.26 -13.91 13.90
C GLN B 237 -9.50 -15.10 14.47
N ILE B 238 -8.81 -14.92 15.60
CA ILE B 238 -7.79 -15.87 16.04
C ILE B 238 -8.38 -17.26 16.23
N ASP B 239 -9.61 -17.36 16.72
CA ASP B 239 -10.19 -18.67 16.96
C ASP B 239 -10.49 -19.43 15.67
N VAL B 240 -10.54 -18.76 14.54
CA VAL B 240 -10.76 -19.41 13.24
C VAL B 240 -9.46 -19.53 12.46
N ALA B 241 -8.71 -18.43 12.35
CA ALA B 241 -7.52 -18.40 11.52
C ALA B 241 -6.39 -19.27 12.07
N VAL B 242 -6.19 -19.32 13.38
CA VAL B 242 -5.03 -20.08 13.89
C VAL B 242 -5.23 -21.57 13.66
N PRO B 243 -6.40 -22.19 13.92
CA PRO B 243 -6.55 -23.61 13.58
C PRO B 243 -6.39 -23.87 12.09
N ALA B 244 -6.99 -23.03 11.23
CA ALA B 244 -6.79 -23.22 9.80
C ALA B 244 -5.31 -23.15 9.45
N ASN B 245 -4.61 -22.17 10.01
CA ASN B 245 -3.24 -21.92 9.58
C ASN B 245 -2.24 -22.92 10.17
N LEU B 246 -2.61 -23.62 11.26
CA LEU B 246 -1.79 -24.73 11.76
C LEU B 246 -1.86 -25.92 10.85
N LYS B 247 -2.78 -25.89 9.88
CA LYS B 247 -2.88 -26.89 8.85
C LYS B 247 -2.63 -26.26 7.49
N CYS B 248 -1.88 -25.16 7.50
CA CYS B 248 -1.44 -24.42 6.30
C CYS B 248 -2.58 -23.92 5.43
N GLY B 249 -3.73 -23.66 6.03
CA GLY B 249 -4.82 -23.04 5.32
C GLY B 249 -5.85 -24.04 4.82
N LEU B 250 -5.79 -25.29 5.27
CA LEU B 250 -6.79 -26.30 4.90
C LEU B 250 -8.14 -25.92 5.51
N ALA B 251 -9.09 -25.56 4.65
CA ALA B 251 -10.42 -25.14 5.07
C ALA B 251 -11.14 -26.25 5.85
N GLU B 260 -15.21 -22.06 -6.75
CA GLU B 260 -15.05 -21.96 -8.21
C GLU B 260 -16.38 -22.11 -8.95
N PRO B 261 -16.67 -21.19 -9.89
CA PRO B 261 -17.82 -21.40 -10.78
C PRO B 261 -17.58 -22.58 -11.71
N ASP B 262 -18.61 -23.40 -11.88
CA ASP B 262 -18.49 -24.72 -12.50
C ASP B 262 -19.17 -24.79 -13.84
N TRP B 263 -19.80 -23.70 -14.29
CA TRP B 263 -20.66 -23.87 -15.44
C TRP B 263 -19.88 -23.88 -16.75
N ALA B 264 -18.59 -23.57 -16.71
CA ALA B 264 -17.73 -23.56 -17.88
C ALA B 264 -16.30 -23.44 -17.36
N PRO B 265 -15.28 -23.65 -18.22
CA PRO B 265 -13.89 -23.33 -17.79
C PRO B 265 -13.71 -21.82 -17.74
N LEU B 266 -13.52 -21.28 -16.55
CA LEU B 266 -13.53 -19.84 -16.33
C LEU B 266 -12.24 -19.48 -15.63
N THR B 267 -11.78 -18.24 -15.82
CA THR B 267 -10.63 -17.75 -15.09
C THR B 267 -10.93 -16.30 -14.74
N CYS B 268 -10.40 -15.83 -13.62
CA CYS B 268 -10.63 -14.44 -13.21
C CYS B 268 -9.40 -13.62 -13.56
N SER B 269 -9.59 -12.48 -14.25
CA SER B 269 -8.40 -11.69 -14.57
C SER B 269 -7.91 -10.95 -13.33
N PHE B 270 -6.70 -10.41 -13.42
CA PHE B 270 -6.21 -9.58 -12.31
C PHE B 270 -7.10 -8.35 -12.11
N ALA B 271 -7.69 -7.81 -13.20
CA ALA B 271 -8.69 -6.74 -13.07
C ALA B 271 -9.97 -7.23 -12.40
N GLY B 272 -10.13 -8.52 -12.13
CA GLY B 272 -11.35 -9.01 -11.48
C GLY B 272 -12.50 -9.41 -12.41
N ILE B 273 -12.24 -9.66 -13.68
CA ILE B 273 -13.28 -9.98 -14.66
CA ILE B 273 -13.30 -9.99 -14.63
C ILE B 273 -13.25 -11.48 -14.92
N TRP B 274 -14.39 -12.13 -14.81
CA TRP B 274 -14.43 -13.55 -15.17
C TRP B 274 -14.42 -13.70 -16.68
N GLU B 275 -13.55 -14.58 -17.17
CA GLU B 275 -13.37 -14.80 -18.62
C GLU B 275 -13.57 -16.26 -18.98
N ILE B 276 -14.27 -16.49 -20.07
CA ILE B 276 -14.58 -17.87 -20.48
C ILE B 276 -13.52 -18.37 -21.46
N ASN B 277 -13.27 -19.70 -21.46
CA ASN B 277 -12.36 -20.32 -22.43
C ASN B 277 -13.05 -20.37 -23.82
N ALA B 278 -12.41 -19.82 -24.84
CA ALA B 278 -13.09 -19.70 -26.13
C ALA B 278 -13.25 -21.04 -26.81
N GLN B 279 -12.25 -21.92 -26.66
CA GLN B 279 -12.31 -23.25 -27.25
C GLN B 279 -13.52 -23.99 -26.73
N TRP B 280 -13.75 -23.92 -25.42
CA TRP B 280 -14.92 -24.55 -24.87
C TRP B 280 -16.18 -23.88 -25.39
N LEU B 281 -16.21 -22.52 -25.38
CA LEU B 281 -17.40 -21.79 -25.82
C LEU B 281 -17.81 -22.20 -27.24
N GLU B 282 -16.86 -22.25 -28.17
CA GLU B 282 -17.21 -22.56 -29.55
C GLU B 282 -17.97 -23.87 -29.69
N GLU B 283 -17.59 -24.89 -28.91
CA GLU B 283 -18.25 -26.18 -28.97
C GLU B 283 -19.45 -26.30 -28.06
N ASN B 284 -19.74 -25.28 -27.24
CA ASN B 284 -20.84 -25.35 -26.29
C ASN B 284 -21.72 -24.11 -26.38
N LEU B 285 -21.82 -23.51 -27.58
CA LEU B 285 -22.57 -22.27 -27.77
C LEU B 285 -24.02 -22.37 -27.32
N ARG B 286 -24.65 -23.52 -27.50
CA ARG B 286 -26.05 -23.71 -27.13
C ARG B 286 -26.27 -23.77 -25.63
N ALA B 287 -25.21 -23.86 -24.81
CA ALA B 287 -25.38 -23.90 -23.35
C ALA B 287 -25.42 -22.53 -22.70
N VAL B 288 -25.16 -21.46 -23.43
CA VAL B 288 -25.10 -20.14 -22.84
C VAL B 288 -25.89 -19.19 -23.74
N GLU B 289 -26.20 -18.01 -23.21
CA GLU B 289 -26.72 -16.87 -23.97
C GLU B 289 -25.56 -15.96 -24.34
N ILE B 290 -25.39 -15.74 -25.63
CA ILE B 290 -24.31 -14.86 -26.08
C ILE B 290 -24.92 -13.45 -26.19
N VAL B 291 -24.43 -12.51 -25.39
CA VAL B 291 -24.96 -11.17 -25.43
C VAL B 291 -23.89 -10.30 -26.05
N ASP B 292 -24.16 -9.84 -27.27
CA ASP B 292 -23.24 -8.98 -28.01
C ASP B 292 -23.60 -7.54 -27.66
N VAL B 293 -22.64 -6.79 -27.10
CA VAL B 293 -22.92 -5.44 -26.61
C VAL B 293 -22.41 -4.38 -27.56
N ARG B 294 -22.08 -4.75 -28.78
CA ARG B 294 -21.64 -3.78 -29.77
C ARG B 294 -22.80 -2.88 -30.23
N GLU B 295 -22.48 -1.88 -31.07
CA GLU B 295 -23.46 -1.06 -31.75
C GLU B 295 -24.05 -1.88 -32.92
N PRO B 296 -25.27 -1.59 -33.31
CA PRO B 296 -25.87 -2.30 -34.46
C PRO B 296 -25.05 -2.32 -35.75
N GLU B 297 -24.40 -1.21 -36.11
CA GLU B 297 -23.57 -1.19 -37.30
C GLU B 297 -22.42 -2.18 -37.22
N GLU B 298 -21.82 -2.34 -36.03
CA GLU B 298 -20.78 -3.35 -35.84
C GLU B 298 -21.33 -4.77 -35.94
N PHE B 299 -22.49 -5.00 -35.34
CA PHE B 299 -23.12 -6.32 -35.38
C PHE B 299 -23.34 -6.78 -36.83
N ASN B 300 -23.52 -5.87 -37.77
CA ASN B 300 -23.67 -6.22 -39.17
CA ASN B 300 -23.68 -6.22 -39.16
C ASN B 300 -22.43 -5.92 -39.99
N GLY B 301 -21.30 -5.66 -39.35
CA GLY B 301 -20.13 -5.29 -40.09
C GLY B 301 -19.21 -6.46 -40.34
N PRO B 302 -17.99 -6.17 -40.79
CA PRO B 302 -17.12 -7.23 -41.31
C PRO B 302 -16.57 -8.22 -40.27
N LEU B 303 -16.70 -7.99 -38.97
CA LEU B 303 -16.26 -9.03 -38.04
C LEU B 303 -17.30 -10.13 -37.83
N GLY B 304 -18.53 -9.92 -38.30
CA GLY B 304 -19.55 -10.94 -38.18
C GLY B 304 -19.99 -11.14 -36.75
N ARG B 305 -20.71 -12.23 -36.54
CA ARG B 305 -21.20 -12.45 -35.19
C ARG B 305 -21.20 -13.94 -34.91
N ILE B 306 -21.14 -14.24 -33.62
CA ILE B 306 -21.19 -15.62 -33.15
C ILE B 306 -22.60 -16.16 -33.33
N PRO B 307 -22.78 -17.37 -33.82
CA PRO B 307 -24.14 -17.92 -34.00
C PRO B 307 -25.05 -17.71 -32.81
N ALA B 308 -26.26 -17.22 -33.10
CA ALA B 308 -27.33 -16.91 -32.14
C ALA B 308 -26.97 -15.81 -31.13
N ALA B 309 -25.91 -15.05 -31.37
CA ALA B 309 -25.65 -13.87 -30.54
C ALA B 309 -26.87 -12.95 -30.52
N ARG B 310 -27.12 -12.35 -29.36
CA ARG B 310 -28.24 -11.45 -29.13
C ARG B 310 -27.66 -10.03 -29.00
N LEU B 311 -28.06 -9.11 -29.89
CA LEU B 311 -27.47 -7.78 -29.87
C LEU B 311 -28.24 -6.94 -28.86
N ILE B 312 -27.57 -6.55 -27.78
CA ILE B 312 -28.12 -5.61 -26.80
C ILE B 312 -27.01 -4.61 -26.54
N SER B 313 -27.09 -3.45 -27.19
CA SER B 313 -25.99 -2.49 -27.09
C SER B 313 -25.70 -2.14 -25.64
N LEU B 314 -24.42 -1.88 -25.38
CA LEU B 314 -23.99 -1.61 -24.01
C LEU B 314 -24.79 -0.47 -23.39
N GLY B 315 -25.10 0.60 -24.16
CA GLY B 315 -25.80 1.74 -23.55
C GLY B 315 -27.25 1.48 -23.24
N GLU B 316 -27.79 0.32 -23.67
CA GLU B 316 -29.14 -0.08 -23.32
C GLU B 316 -29.20 -1.28 -22.38
N LEU B 317 -28.09 -1.96 -22.17
CA LEU B 317 -28.08 -3.22 -21.44
C LEU B 317 -28.62 -3.06 -20.03
N ALA B 318 -28.16 -2.04 -19.27
CA ALA B 318 -28.60 -1.90 -17.88
C ALA B 318 -30.11 -1.80 -17.77
N GLY B 319 -30.74 -1.13 -18.72
CA GLY B 319 -32.20 -1.00 -18.68
C GLY B 319 -32.95 -2.20 -19.26
N ARG B 320 -32.28 -3.21 -19.79
CA ARG B 320 -32.95 -4.27 -20.53
CA ARG B 320 -32.97 -4.28 -20.51
C ARG B 320 -32.71 -5.65 -19.89
N THR B 321 -32.23 -5.70 -18.64
CA THR B 321 -31.81 -7.00 -18.08
C THR B 321 -33.00 -7.94 -17.82
N ALA B 322 -34.21 -7.41 -17.73
CA ALA B 322 -35.42 -8.25 -17.73
C ALA B 322 -35.49 -9.17 -18.94
N GLU B 323 -34.75 -8.90 -20.01
CA GLU B 323 -34.78 -9.80 -21.15
C GLU B 323 -33.91 -11.04 -20.96
N LEU B 324 -33.09 -11.09 -19.93
CA LEU B 324 -32.09 -12.12 -19.73
C LEU B 324 -32.48 -12.97 -18.53
N THR B 325 -32.47 -14.28 -18.68
CA THR B 325 -32.90 -15.09 -17.55
C THR B 325 -31.68 -15.48 -16.74
N LYS B 326 -31.91 -15.86 -15.49
CA LYS B 326 -30.80 -16.33 -14.65
C LYS B 326 -30.68 -17.83 -14.65
N ASP B 327 -31.50 -18.53 -15.42
CA ASP B 327 -31.40 -19.98 -15.48
C ASP B 327 -30.46 -20.45 -16.58
N ARG B 328 -29.81 -19.52 -17.29
CA ARG B 328 -28.73 -19.88 -18.20
C ARG B 328 -27.59 -18.90 -18.03
N PRO B 329 -26.35 -19.38 -18.13
CA PRO B 329 -25.20 -18.47 -18.07
C PRO B 329 -25.20 -17.52 -19.24
N ILE B 330 -24.50 -16.39 -19.06
CA ILE B 330 -24.35 -15.35 -20.08
C ILE B 330 -22.88 -15.19 -20.43
N VAL B 331 -22.59 -15.05 -21.72
CA VAL B 331 -21.25 -14.66 -22.16
C VAL B 331 -21.40 -13.35 -22.93
N THR B 332 -20.68 -12.33 -22.49
CA THR B 332 -20.76 -11.05 -23.18
C THR B 332 -19.65 -10.97 -24.22
N VAL B 333 -19.94 -10.29 -25.34
CA VAL B 333 -19.04 -10.26 -26.50
C VAL B 333 -18.99 -8.86 -27.03
N CSS B 334 -17.83 -8.40 -27.46
CA CSS B 334 -17.75 -7.11 -28.16
CB CSS B 334 -17.55 -5.85 -27.27
SG CSS B 334 -16.02 -5.82 -26.37
SD CSS B 334 -14.98 -4.10 -27.16
C CSS B 334 -16.61 -7.22 -29.14
O CSS B 334 -16.13 -8.34 -29.44
N ARG B 335 -16.08 -6.08 -29.61
CA ARG B 335 -15.07 -6.12 -30.66
C ARG B 335 -13.73 -6.71 -30.14
N ALA B 336 -13.27 -6.28 -28.97
CA ALA B 336 -11.94 -6.68 -28.53
C ALA B 336 -11.90 -7.05 -27.06
N GLY B 337 -13.06 -7.13 -26.39
CA GLY B 337 -13.14 -7.65 -25.05
C GLY B 337 -13.35 -6.61 -23.97
N GLY B 338 -13.48 -5.31 -24.32
CA GLY B 338 -13.48 -4.26 -23.29
C GLY B 338 -14.91 -3.89 -22.89
N ARG B 339 -15.73 -3.48 -23.87
CA ARG B 339 -17.12 -3.14 -23.54
C ARG B 339 -17.83 -4.33 -22.94
N SER B 340 -17.48 -5.53 -23.41
CA SER B 340 -18.05 -6.75 -22.85
C SER B 340 -17.57 -7.03 -21.42
N ALA B 341 -16.35 -6.60 -21.02
CA ALA B 341 -15.99 -6.70 -19.60
C ALA B 341 -16.86 -5.77 -18.74
N GLN B 342 -17.04 -4.52 -19.19
CA GLN B 342 -17.90 -3.63 -18.43
C GLN B 342 -19.32 -4.20 -18.37
N ALA B 343 -19.76 -4.83 -19.45
CA ALA B 343 -21.10 -5.46 -19.40
C ALA B 343 -21.18 -6.52 -18.30
N THR B 344 -20.08 -7.27 -18.04
CA THR B 344 -20.16 -8.24 -16.94
C THR B 344 -20.32 -7.54 -15.61
N VAL B 345 -19.67 -6.37 -15.44
CA VAL B 345 -19.82 -5.59 -14.21
C VAL B 345 -21.27 -5.20 -14.02
N MET B 346 -21.90 -4.68 -15.09
CA MET B 346 -23.28 -4.21 -15.00
C MET B 346 -24.24 -5.36 -14.69
N LEU B 347 -24.03 -6.50 -15.32
CA LEU B 347 -24.89 -7.65 -15.03
C LEU B 347 -24.66 -8.18 -13.62
N ARG B 348 -23.41 -8.22 -13.15
CA ARG B 348 -23.16 -8.60 -11.75
C ARG B 348 -23.92 -7.68 -10.80
N GLN B 349 -23.95 -6.39 -11.11
CA GLN B 349 -24.65 -5.45 -10.23
C GLN B 349 -26.15 -5.66 -10.26
N ALA B 350 -26.69 -6.22 -11.34
CA ALA B 350 -28.08 -6.61 -11.49
C ALA B 350 -28.37 -8.03 -10.93
N GLY B 351 -27.40 -8.67 -10.31
CA GLY B 351 -27.69 -9.94 -9.68
C GLY B 351 -27.50 -11.17 -10.56
N PHE B 352 -26.87 -11.03 -11.73
CA PHE B 352 -26.51 -12.18 -12.53
C PHE B 352 -25.18 -12.73 -12.04
N GLU B 353 -25.19 -13.95 -11.48
CA GLU B 353 -23.97 -14.56 -10.97
C GLU B 353 -23.25 -15.43 -11.98
N ARG B 354 -23.87 -15.82 -13.08
CA ARG B 354 -23.24 -16.76 -14.00
C ARG B 354 -22.99 -15.99 -15.28
N VAL B 355 -21.92 -15.19 -15.28
CA VAL B 355 -21.65 -14.29 -16.38
C VAL B 355 -20.17 -14.33 -16.66
N ALA B 356 -19.78 -14.30 -17.92
CA ALA B 356 -18.35 -14.24 -18.19
C ALA B 356 -18.14 -13.43 -19.45
N ASN B 357 -16.96 -12.84 -19.54
CA ASN B 357 -16.48 -12.09 -20.68
C ASN B 357 -15.82 -13.04 -21.68
N LEU B 358 -15.90 -12.68 -22.96
CA LEU B 358 -15.11 -13.38 -23.99
C LEU B 358 -13.81 -12.61 -24.25
N PRO B 359 -12.68 -13.01 -23.69
CA PRO B 359 -11.48 -12.17 -23.81
C PRO B 359 -11.06 -12.07 -25.28
N GLY B 360 -10.55 -10.90 -25.67
CA GLY B 360 -10.16 -10.65 -27.03
C GLY B 360 -11.32 -10.42 -27.98
N GLY B 361 -12.55 -10.68 -27.58
CA GLY B 361 -13.64 -10.22 -28.45
C GLY B 361 -13.72 -10.91 -29.81
N MET B 362 -14.47 -10.27 -30.72
CA MET B 362 -14.62 -10.83 -32.06
C MET B 362 -13.30 -10.81 -32.83
N LEU B 363 -12.40 -9.87 -32.52
CA LEU B 363 -11.12 -9.84 -33.24
C LEU B 363 -10.40 -11.16 -33.04
N ARG B 364 -10.33 -11.61 -31.79
CA ARG B 364 -9.59 -12.83 -31.49
CA ARG B 364 -9.59 -12.83 -31.49
C ARG B 364 -10.37 -14.06 -31.97
N TRP B 365 -11.69 -14.04 -31.81
CA TRP B 365 -12.55 -15.12 -32.29
C TRP B 365 -12.29 -15.41 -33.77
N ARG B 366 -12.23 -14.34 -34.57
CA ARG B 366 -11.96 -14.51 -35.99
C ARG B 366 -10.51 -14.91 -36.22
N ALA B 367 -9.57 -14.29 -35.50
CA ALA B 367 -8.16 -14.67 -35.68
C ALA B 367 -7.97 -16.17 -35.48
N GLU B 368 -8.64 -16.76 -34.51
CA GLU B 368 -8.54 -18.19 -34.23
C GLU B 368 -9.46 -19.02 -35.13
N GLY B 369 -10.09 -18.39 -36.12
CA GLY B 369 -10.93 -19.09 -37.10
C GLY B 369 -12.17 -19.70 -36.51
N ARG B 370 -12.78 -19.05 -35.53
CA ARG B 370 -13.93 -19.65 -34.88
C ARG B 370 -15.22 -19.29 -35.64
N VAL B 371 -16.26 -20.11 -35.43
CA VAL B 371 -17.43 -20.08 -36.30
C VAL B 371 -18.17 -18.76 -36.13
N VAL B 372 -18.59 -18.16 -37.25
CA VAL B 372 -19.48 -17.02 -37.25
C VAL B 372 -20.67 -17.34 -38.14
N GLU B 373 -21.74 -16.55 -38.00
CA GLU B 373 -22.93 -16.78 -38.84
C GLU B 373 -22.64 -16.54 -40.33
FE FE C . -8.18 12.98 -10.09
FE FE D . 0.65 -12.16 13.21
#